data_5NPF
#
_entry.id   5NPF
#
_cell.length_a   178.180
_cell.length_b   53.810
_cell.length_c   83.300
_cell.angle_alpha   90.00
_cell.angle_beta   90.00
_cell.angle_gamma   90.00
#
_symmetry.space_group_name_H-M   'P 21 21 2'
#
loop_
_entity.id
_entity.type
_entity.pdbx_description
1 polymer Glucosylceramidase
2 non-polymer 1,2-ETHANEDIOL
3 non-polymer 'CALCIUM ION'
4 non-polymer '[(1~{R},2~{R},3~{R},4~{S},5~{R})-2-(hydroxymethyl)-3,4,5,6-tetrakis(oxidanyl)cyclohexyl] hydrogen sulfate'
5 water water
#
_entity_poly.entity_id   1
_entity_poly.type   'polypeptide(L)'
_entity_poly.pdbx_seq_one_letter_code
;MALTGCSEKININEDKISHKIDIPDSAWTIGIGEKFKNAGHPNVKYPMIDDSYVQGAPLGGFGAGTIGRTYNGGFSRWHL
EIGKNKYTTVYANQFSVFQKVEGNKDGVAQVLYAGEPENGYLSSWKWDYPKESGMYYALYPNSWYTYTNKDLPVQLAVKQ
FSPIIPYNYKETSYPVAVFKWTAYNPTNKNVDVSIMFTWQNMIGFFGKQVNVNSGNFNKIIKDKSKDSEIVAAVMGNISN
DNEEWNGEYSIGVKKVPGVDISYKAKFVTTGDGSDLWHEFSKNGILDNKDDETPTKQDGIGSAIAVNFKLQPGQTIEVPF
ALSWDLPIMKFGGGDKWYKMYTKYFGKNGKNSFAILKEALNNYQKWEKMIDDWQKPILSNKSKPDWYKTALFNELYYLAD
GGTAWENGKVGEKDKRTNNMFGLLECFDYNYYETLDVRFYGSFPLVMLWPDIEKQVMRQFADTINVQDSSEFKVGSNGAM
AVKKVQGMIPHDLGSSYALPWIKINAYDWQNPNIWKDLNSKYVLLVYRDYVLTGKTDKEFLKYTWKSVKTALDKLKEMDK
DNDGIPDNEGIPDQTYDTWSMKGTSAYCGSLWLAALKAAQEIGKVLKDNEAYIKYNEWYKIAQQNFEKELWNGEYYNFDT
ESDHKDSIMADQLAGQWYADILRLGDILPKDHVQKALKKIYEFNVMKFENGKMGAVNGMRPDGIVDESDIQAQEVWTGVT
YALASFMKYRGMTEEAYNTAYGVYKMTYDKSGKGYWFRTPEAWTKDGNYRASMYMRPLSIWSMEVNYNEVLEHHHHHH
;
_entity_poly.pdbx_strand_id   A
#
loop_
_chem_comp.id
_chem_comp.type
_chem_comp.name
_chem_comp.formula
945 non-polymer '[(1~{R},2~{R},3~{R},4~{S},5~{R})-2-(hydroxymethyl)-3,4,5,6-tetrakis(oxidanyl)cyclohexyl] hydrogen sulfate' 'C7 H14 O9 S'
CA non-polymer 'CALCIUM ION' 'Ca 2'
EDO non-polymer 1,2-ETHANEDIOL 'C2 H6 O2'
#
# COMPACT_ATOMS: atom_id res chain seq x y z
N ASP A 15 -9.03 -9.12 30.28
CA ASP A 15 -9.41 -9.32 28.84
C ASP A 15 -10.03 -10.73 28.63
N LYS A 16 -11.37 -10.78 28.57
CA LYS A 16 -12.17 -12.02 28.34
C LYS A 16 -12.67 -12.18 26.90
N ILE A 17 -12.56 -11.11 26.14
CA ILE A 17 -13.12 -11.04 24.80
C ILE A 17 -12.20 -11.66 23.74
N SER A 18 -10.87 -11.57 23.91
CA SER A 18 -9.89 -12.23 22.97
C SER A 18 -10.21 -13.70 22.71
N HIS A 19 -10.69 -14.39 23.74
CA HIS A 19 -11.13 -15.82 23.65
C HIS A 19 -12.32 -16.05 22.71
N LYS A 20 -13.20 -15.05 22.60
CA LYS A 20 -14.39 -15.17 21.76
C LYS A 20 -14.10 -14.83 20.30
N ILE A 21 -12.86 -14.40 19.95
CA ILE A 21 -12.58 -13.97 18.57
C ILE A 21 -11.31 -14.68 18.13
N ASP A 22 -10.86 -14.51 16.89
N ASP A 22 -10.81 -14.41 16.91
CA ASP A 22 -9.64 -15.27 16.49
CA ASP A 22 -9.70 -15.26 16.39
C ASP A 22 -8.72 -14.29 15.85
C ASP A 22 -8.52 -14.48 15.82
N ILE A 23 -7.87 -13.69 16.67
CA ILE A 23 -6.82 -12.82 16.21
C ILE A 23 -5.54 -13.65 16.08
N PRO A 24 -4.87 -13.60 14.91
CA PRO A 24 -3.64 -14.34 14.76
C PRO A 24 -2.52 -13.79 15.65
N ASP A 25 -1.65 -14.68 16.15
CA ASP A 25 -0.54 -14.21 16.96
C ASP A 25 0.44 -13.29 16.27
N SER A 26 0.52 -13.36 14.94
CA SER A 26 1.34 -12.47 14.17
C SER A 26 0.76 -11.07 13.92
N ALA A 27 -0.44 -10.79 14.40
CA ALA A 27 -0.99 -9.45 14.26
C ALA A 27 -0.07 -8.46 14.91
N TRP A 28 0.15 -7.32 14.26
CA TRP A 28 0.81 -6.17 14.87
C TRP A 28 -0.17 -5.63 15.94
N THR A 29 0.34 -5.28 17.13
N THR A 29 0.35 -5.20 17.09
CA THR A 29 -0.51 -4.82 18.22
CA THR A 29 -0.50 -4.75 18.17
C THR A 29 0.00 -3.48 18.78
C THR A 29 0.02 -3.51 18.88
N ILE A 30 -0.94 -2.69 19.33
CA ILE A 30 -0.63 -1.48 20.06
C ILE A 30 -1.83 -1.19 20.96
N GLY A 31 -1.58 -0.53 22.07
CA GLY A 31 -2.68 -0.09 22.90
C GLY A 31 -3.50 1.04 22.31
N ILE A 32 -4.82 0.97 22.46
CA ILE A 32 -5.68 2.12 22.09
C ILE A 32 -5.28 3.27 23.00
N GLY A 33 -4.97 4.41 22.41
CA GLY A 33 -4.51 5.59 23.11
C GLY A 33 -3.05 5.58 23.53
N GLU A 34 -2.29 4.56 23.09
CA GLU A 34 -0.90 4.50 23.44
C GLU A 34 -0.12 5.68 22.82
N LYS A 35 0.79 6.28 23.58
N LYS A 35 0.73 6.30 23.63
CA LYS A 35 1.64 7.40 23.12
CA LYS A 35 1.69 7.30 23.17
C LYS A 35 3.07 6.90 22.87
C LYS A 35 2.93 6.53 22.73
N PHE A 36 3.50 6.94 21.62
CA PHE A 36 4.77 6.32 21.14
C PHE A 36 5.82 7.36 21.29
N LYS A 37 6.96 7.02 21.89
CA LYS A 37 7.98 8.00 22.20
C LYS A 37 9.10 7.84 21.15
N ASN A 38 9.86 8.86 20.92
CA ASN A 38 10.90 8.78 19.83
C ASN A 38 10.45 8.27 18.36
N ALA A 39 9.24 8.62 17.90
CA ALA A 39 8.94 8.51 16.47
C ALA A 39 9.91 9.26 15.63
N GLY A 40 10.11 8.73 14.42
CA GLY A 40 10.97 9.39 13.46
C GLY A 40 10.22 10.50 12.67
N HIS A 41 11.03 11.37 12.09
CA HIS A 41 10.54 12.47 11.30
C HIS A 41 11.40 12.57 10.02
N PRO A 42 10.97 13.39 9.03
CA PRO A 42 11.76 13.48 7.82
C PRO A 42 13.15 14.04 8.05
N ASN A 43 14.12 13.53 7.30
CA ASN A 43 15.51 13.95 7.40
C ASN A 43 15.99 14.84 6.24
N VAL A 44 15.03 15.34 5.46
CA VAL A 44 15.34 16.22 4.34
C VAL A 44 15.08 17.66 4.73
N LYS A 45 15.62 18.60 3.97
CA LYS A 45 15.46 20.01 4.32
C LYS A 45 14.15 20.58 3.74
N TYR A 46 13.64 19.98 2.68
CA TYR A 46 12.47 20.45 1.97
C TYR A 46 11.19 19.88 2.57
N PRO A 47 10.05 20.55 2.41
CA PRO A 47 8.84 20.00 3.04
C PRO A 47 8.51 18.55 2.62
N MET A 48 8.04 17.76 3.56
CA MET A 48 7.78 16.33 3.34
C MET A 48 6.66 15.87 4.25
N ILE A 49 5.82 14.97 3.76
CA ILE A 49 4.72 14.48 4.54
C ILE A 49 5.16 13.80 5.84
N ASP A 50 4.58 14.19 6.95
CA ASP A 50 4.71 13.48 8.23
C ASP A 50 3.37 13.51 8.94
N ASP A 51 2.57 12.46 8.76
CA ASP A 51 1.25 12.37 9.35
C ASP A 51 1.21 11.76 10.76
N SER A 52 2.39 11.65 11.39
CA SER A 52 2.54 11.05 12.74
C SER A 52 2.36 9.56 12.71
N TYR A 53 2.63 8.98 13.87
CA TYR A 53 2.50 7.53 14.06
C TYR A 53 1.08 7.03 14.35
N VAL A 54 0.08 7.93 14.41
CA VAL A 54 -1.31 7.52 14.65
C VAL A 54 -1.90 7.12 13.30
N GLN A 55 -1.73 5.86 12.97
CA GLN A 55 -2.11 5.25 11.69
C GLN A 55 -2.75 3.90 11.96
N GLY A 56 -3.31 3.28 10.95
CA GLY A 56 -3.86 1.96 11.00
C GLY A 56 -3.94 1.33 9.63
N ALA A 57 -4.33 0.06 9.57
CA ALA A 57 -4.56 -0.63 8.34
C ALA A 57 -5.69 0.05 7.56
N PRO A 58 -5.53 0.22 6.25
CA PRO A 58 -6.58 0.88 5.47
C PRO A 58 -7.76 0.01 5.10
N LEU A 59 -8.86 0.66 4.88
CA LEU A 59 -10.08 0.05 4.36
C LEU A 59 -10.31 0.55 2.95
N GLY A 60 -10.83 -0.35 2.11
CA GLY A 60 -11.13 -0.06 0.71
C GLY A 60 -10.38 -0.92 -0.27
N GLY A 61 -10.99 -1.18 -1.41
CA GLY A 61 -10.37 -1.99 -2.43
C GLY A 61 -9.47 -1.24 -3.38
N PHE A 62 -8.84 -2.00 -4.25
CA PHE A 62 -7.91 -1.45 -5.25
C PHE A 62 -8.68 -0.51 -6.21
N GLY A 63 -8.18 0.70 -6.29
CA GLY A 63 -8.82 1.71 -7.17
C GLY A 63 -10.10 2.32 -6.64
N ALA A 64 -10.45 1.99 -5.40
CA ALA A 64 -11.70 2.44 -4.83
C ALA A 64 -11.57 3.78 -4.10
N GLY A 65 -10.36 4.21 -3.82
CA GLY A 65 -10.07 5.15 -2.76
C GLY A 65 -10.06 4.40 -1.42
N THR A 66 -9.13 4.72 -0.57
CA THR A 66 -9.04 4.09 0.75
C THR A 66 -9.20 5.07 1.86
N ILE A 67 -9.54 4.50 3.04
CA ILE A 67 -9.77 5.27 4.29
C ILE A 67 -8.91 4.59 5.38
N GLY A 68 -7.98 5.35 5.93
CA GLY A 68 -7.19 4.87 7.08
C GLY A 68 -7.83 5.17 8.40
N ARG A 69 -8.32 4.14 9.04
CA ARG A 69 -8.82 4.22 10.41
C ARG A 69 -7.68 3.86 11.34
N THR A 70 -7.35 4.75 12.25
CA THR A 70 -6.14 4.59 13.05
C THR A 70 -6.36 3.68 14.26
N TYR A 71 -5.26 3.33 14.89
CA TYR A 71 -5.38 2.54 16.11
C TYR A 71 -6.10 3.21 17.28
N ASN A 72 -6.28 4.54 17.19
CA ASN A 72 -7.05 5.27 18.19
C ASN A 72 -8.54 5.25 17.88
N GLY A 73 -8.90 4.80 16.69
CA GLY A 73 -10.31 4.68 16.29
C GLY A 73 -10.84 5.69 15.27
N GLY A 74 -10.05 6.73 15.00
CA GLY A 74 -10.54 7.78 14.13
C GLY A 74 -10.35 7.45 12.67
N PHE A 75 -11.30 7.91 11.86
CA PHE A 75 -11.19 7.85 10.40
C PHE A 75 -10.40 9.08 9.97
N SER A 76 -9.11 8.92 9.68
CA SER A 76 -8.16 10.02 9.65
C SER A 76 -7.32 10.14 8.37
N ARG A 77 -6.92 9.03 7.75
CA ARG A 77 -6.04 9.18 6.60
C ARG A 77 -6.83 8.90 5.30
N TRP A 78 -7.20 9.99 4.65
CA TRP A 78 -8.16 9.91 3.54
C TRP A 78 -7.43 9.87 2.21
N HIS A 79 -7.60 8.76 1.50
CA HIS A 79 -7.09 8.57 0.16
C HIS A 79 -8.24 8.38 -0.83
N LEU A 80 -9.39 8.99 -0.53
CA LEU A 80 -10.54 8.91 -1.44
C LEU A 80 -10.40 9.72 -2.70
N GLU A 81 -9.63 10.80 -2.63
CA GLU A 81 -9.28 11.60 -3.86
C GLU A 81 -8.03 10.88 -4.40
N ILE A 82 -8.20 10.15 -5.52
CA ILE A 82 -7.21 9.21 -5.96
C ILE A 82 -5.90 9.93 -6.28
N GLY A 83 -4.82 9.51 -5.63
CA GLY A 83 -3.54 10.13 -5.76
C GLY A 83 -3.16 11.11 -4.65
N LYS A 84 -4.13 11.44 -3.80
CA LYS A 84 -3.90 12.43 -2.76
C LYS A 84 -3.95 11.77 -1.38
N ASN A 85 -3.22 12.39 -0.46
CA ASN A 85 -3.16 12.00 0.95
C ASN A 85 -3.63 13.18 1.81
N LYS A 86 -4.75 13.01 2.50
CA LYS A 86 -5.29 14.09 3.35
C LYS A 86 -5.49 13.47 4.73
N TYR A 87 -4.72 13.97 5.68
CA TYR A 87 -4.77 13.42 7.05
C TYR A 87 -5.52 14.45 7.94
N THR A 88 -6.73 14.06 8.31
CA THR A 88 -7.61 14.89 9.13
C THR A 88 -8.68 13.97 9.70
N THR A 89 -8.89 14.02 11.03
CA THR A 89 -9.87 13.15 11.60
C THR A 89 -11.25 13.78 11.40
N VAL A 90 -12.16 13.03 10.80
CA VAL A 90 -13.54 13.52 10.64
C VAL A 90 -14.27 13.01 11.91
N TYR A 91 -14.44 13.90 12.86
CA TYR A 91 -14.83 13.49 14.23
C TYR A 91 -16.16 12.81 14.33
N ALA A 92 -17.11 13.17 13.46
CA ALA A 92 -18.43 12.55 13.46
C ALA A 92 -18.41 11.05 13.12
N ASN A 93 -17.31 10.56 12.53
CA ASN A 93 -17.29 9.20 12.04
C ASN A 93 -16.71 8.30 13.13
N GLN A 94 -17.61 7.54 13.78
CA GLN A 94 -17.19 6.81 15.01
C GLN A 94 -18.08 5.61 15.24
N PHE A 95 -17.55 4.71 16.10
CA PHE A 95 -18.41 3.81 16.83
C PHE A 95 -18.45 4.28 18.30
N SER A 96 -19.63 4.16 18.86
CA SER A 96 -19.91 4.50 20.24
C SER A 96 -20.68 3.33 20.91
N VAL A 97 -20.54 3.27 22.24
CA VAL A 97 -21.22 2.27 23.06
C VAL A 97 -22.01 2.89 24.20
N PHE A 98 -23.12 2.25 24.49
CA PHE A 98 -23.91 2.50 25.66
C PHE A 98 -24.02 1.19 26.45
N GLN A 99 -23.88 1.26 27.77
CA GLN A 99 -24.09 0.10 28.66
C GLN A 99 -24.87 0.50 29.89
N LYS A 100 -25.80 -0.38 30.30
CA LYS A 100 -26.52 -0.19 31.56
C LYS A 100 -26.73 -1.52 32.24
N VAL A 101 -26.28 -1.61 33.49
CA VAL A 101 -26.45 -2.84 34.24
C VAL A 101 -27.90 -2.84 34.72
N GLU A 102 -28.55 -3.99 34.59
CA GLU A 102 -29.92 -4.09 35.05
C GLU A 102 -30.01 -3.76 36.54
N GLY A 103 -30.93 -2.88 36.91
CA GLY A 103 -31.13 -2.47 38.31
C GLY A 103 -30.48 -1.14 38.64
N ASN A 104 -29.68 -0.60 37.73
CA ASN A 104 -29.09 0.75 37.85
C ASN A 104 -30.02 1.77 37.24
N LYS A 105 -30.01 2.99 37.78
CA LYS A 105 -30.83 4.08 37.24
C LYS A 105 -30.33 4.60 35.89
N ASP A 106 -29.03 4.78 35.76
CA ASP A 106 -28.44 5.37 34.56
C ASP A 106 -27.46 4.38 33.92
N GLY A 107 -27.30 4.53 32.62
CA GLY A 107 -26.24 3.87 31.91
C GLY A 107 -25.11 4.83 31.63
N VAL A 108 -24.12 4.33 30.89
CA VAL A 108 -22.99 5.13 30.41
C VAL A 108 -22.84 5.02 28.91
N ALA A 109 -22.44 6.14 28.30
CA ALA A 109 -22.20 6.17 26.87
C ALA A 109 -20.82 6.71 26.60
N GLN A 110 -20.13 6.17 25.56
CA GLN A 110 -18.72 6.50 25.34
C GLN A 110 -18.44 6.36 23.87
N VAL A 111 -17.86 7.40 23.27
CA VAL A 111 -17.30 7.26 21.92
C VAL A 111 -16.04 6.41 22.00
N LEU A 112 -15.89 5.49 21.05
CA LEU A 112 -14.71 4.61 21.05
C LEU A 112 -13.58 5.25 20.22
N TYR A 113 -13.13 6.41 20.69
CA TYR A 113 -12.07 7.21 20.08
C TYR A 113 -11.19 7.74 21.19
N ALA A 114 -9.91 7.43 21.18
CA ALA A 114 -8.96 7.89 22.18
C ALA A 114 -8.42 9.29 21.79
N GLY A 115 -9.33 10.26 21.91
CA GLY A 115 -9.03 11.64 21.58
C GLY A 115 -10.32 12.43 21.67
N GLU A 116 -10.25 13.70 21.26
CA GLU A 116 -11.41 14.58 21.24
C GLU A 116 -11.25 15.63 20.12
N PRO A 117 -12.33 16.30 19.73
CA PRO A 117 -12.24 17.36 18.69
C PRO A 117 -11.41 18.59 19.06
N GLY A 120 -14.08 22.24 19.63
CA GLY A 120 -14.81 22.33 18.37
C GLY A 120 -16.30 21.93 18.44
N TYR A 121 -16.72 21.19 17.43
CA TYR A 121 -18.06 20.62 17.30
C TYR A 121 -18.21 19.30 18.11
N LEU A 122 -19.44 18.84 18.25
CA LEU A 122 -19.77 17.57 18.92
C LEU A 122 -19.36 17.59 20.39
N SER A 123 -19.40 18.73 21.06
CA SER A 123 -18.99 18.79 22.47
C SER A 123 -19.83 17.94 23.39
N SER A 124 -21.05 17.61 23.00
CA SER A 124 -21.94 16.84 23.87
C SER A 124 -21.54 15.35 23.96
N TRP A 125 -20.77 14.86 23.00
CA TRP A 125 -20.41 13.43 22.98
C TRP A 125 -19.37 13.17 24.06
N LYS A 126 -19.31 11.91 24.48
N LYS A 126 -19.32 11.94 24.56
CA LYS A 126 -18.35 11.49 25.50
CA LYS A 126 -18.30 11.59 25.55
C LYS A 126 -17.04 11.05 24.83
C LYS A 126 -17.06 11.08 24.86
N TRP A 127 -16.05 11.96 24.82
CA TRP A 127 -14.81 11.71 24.10
C TRP A 127 -13.76 11.02 25.01
N ASP A 128 -12.51 10.97 24.54
CA ASP A 128 -11.40 10.57 25.39
C ASP A 128 -11.55 9.15 25.96
N TYR A 129 -11.71 8.17 25.07
CA TYR A 129 -11.70 6.78 25.44
C TYR A 129 -10.40 6.57 26.21
N PRO A 130 -10.46 6.02 27.45
CA PRO A 130 -9.31 5.95 28.31
C PRO A 130 -8.19 5.00 27.86
N LYS A 131 -6.99 5.33 28.29
CA LYS A 131 -5.82 4.46 28.05
C LYS A 131 -5.96 3.17 28.84
N GLU A 132 -5.13 2.20 28.46
N GLU A 132 -5.13 2.20 28.49
CA GLU A 132 -5.05 0.91 29.11
CA GLU A 132 -5.05 0.89 29.16
C GLU A 132 -6.41 0.24 29.25
C GLU A 132 -6.36 0.10 29.18
N SER A 133 -7.21 0.39 28.19
CA SER A 133 -8.57 -0.11 28.16
C SER A 133 -8.94 -0.78 26.84
N GLY A 134 -7.93 -1.27 26.11
CA GLY A 134 -8.20 -1.95 24.88
C GLY A 134 -6.99 -1.90 23.98
N MET A 135 -7.04 -2.71 22.94
CA MET A 135 -5.90 -2.92 22.01
C MET A 135 -6.38 -2.86 20.58
N TYR A 136 -5.43 -2.51 19.73
CA TYR A 136 -5.60 -2.59 18.28
C TYR A 136 -4.69 -3.67 17.75
N TYR A 137 -5.18 -4.40 16.78
CA TYR A 137 -4.44 -5.48 16.15
C TYR A 137 -4.56 -5.38 14.63
N ALA A 138 -3.48 -5.71 13.89
CA ALA A 138 -3.61 -5.67 12.42
C ALA A 138 -2.84 -6.77 11.73
N LEU A 139 -3.52 -7.47 10.83
CA LEU A 139 -2.86 -8.40 9.89
C LEU A 139 -3.62 -8.24 8.59
N TYR A 140 -3.12 -7.26 7.84
CA TYR A 140 -3.80 -6.80 6.63
C TYR A 140 -4.23 -7.94 5.74
N PRO A 141 -5.47 -8.01 5.24
CA PRO A 141 -6.46 -6.87 5.18
C PRO A 141 -7.38 -6.76 6.39
N ASN A 142 -7.17 -7.58 7.45
CA ASN A 142 -7.93 -7.51 8.70
C ASN A 142 -7.26 -6.62 9.72
N SER A 143 -8.14 -6.00 10.53
CA SER A 143 -7.70 -5.36 11.76
C SER A 143 -8.81 -5.52 12.77
N TRP A 144 -8.43 -5.33 14.04
CA TRP A 144 -9.35 -5.55 15.14
C TRP A 144 -9.10 -4.51 16.24
N TYR A 145 -10.16 -4.23 16.99
CA TYR A 145 -10.05 -3.50 18.26
C TYR A 145 -10.74 -4.31 19.34
N THR A 146 -10.13 -4.33 20.53
CA THR A 146 -10.81 -4.88 21.68
C THR A 146 -10.98 -3.79 22.71
N TYR A 147 -12.10 -3.89 23.45
CA TYR A 147 -12.49 -2.90 24.45
C TYR A 147 -12.68 -3.59 25.77
N THR A 148 -11.75 -3.33 26.67
CA THR A 148 -11.69 -3.98 27.96
C THR A 148 -11.50 -2.93 29.05
N ASN A 149 -12.62 -2.40 29.52
CA ASN A 149 -12.68 -1.16 30.27
C ASN A 149 -13.35 -1.46 31.58
N LYS A 150 -12.73 -1.00 32.66
CA LYS A 150 -13.22 -1.30 34.00
C LYS A 150 -14.63 -0.73 34.23
N ASP A 151 -15.02 0.28 33.44
CA ASP A 151 -16.36 0.88 33.57
C ASP A 151 -17.39 0.42 32.50
N LEU A 152 -17.01 -0.55 31.67
CA LEU A 152 -17.90 -1.16 30.72
C LEU A 152 -17.95 -2.66 31.04
N PRO A 153 -18.98 -3.09 31.76
CA PRO A 153 -18.97 -4.51 32.18
C PRO A 153 -19.01 -5.53 31.04
N VAL A 154 -19.67 -5.17 29.94
CA VAL A 154 -19.63 -6.00 28.77
C VAL A 154 -18.40 -5.66 27.92
N GLN A 155 -17.65 -6.68 27.53
CA GLN A 155 -16.47 -6.50 26.71
C GLN A 155 -16.85 -6.65 25.26
N LEU A 156 -16.16 -5.88 24.42
CA LEU A 156 -16.48 -5.79 23.01
C LEU A 156 -15.24 -5.93 22.19
N ALA A 157 -15.44 -6.42 20.97
CA ALA A 157 -14.37 -6.46 19.97
C ALA A 157 -15.00 -6.21 18.62
N VAL A 158 -14.18 -5.71 17.71
CA VAL A 158 -14.61 -5.59 16.31
C VAL A 158 -13.49 -6.11 15.42
N LYS A 159 -13.92 -6.81 14.36
CA LYS A 159 -13.01 -7.23 13.27
C LYS A 159 -13.48 -6.42 12.03
N GLN A 160 -12.53 -5.67 11.48
CA GLN A 160 -12.86 -4.78 10.32
C GLN A 160 -11.97 -5.18 9.15
N PHE A 161 -12.53 -5.15 7.93
CA PHE A 161 -11.78 -5.56 6.78
C PHE A 161 -12.51 -5.12 5.51
N SER A 162 -11.71 -5.16 4.44
CA SER A 162 -12.21 -5.14 3.07
C SER A 162 -11.82 -6.44 2.40
N PRO A 163 -12.57 -6.88 1.36
CA PRO A 163 -12.33 -8.20 0.75
C PRO A 163 -11.22 -8.15 -0.30
N ILE A 164 -9.99 -7.98 0.21
CA ILE A 164 -8.76 -7.98 -0.58
C ILE A 164 -8.32 -9.44 -0.72
N ILE A 165 -8.44 -9.99 -1.94
CA ILE A 165 -8.34 -11.43 -2.16
C ILE A 165 -7.48 -11.69 -3.40
N PRO A 166 -6.32 -12.33 -3.24
CA PRO A 166 -5.53 -12.71 -4.40
C PRO A 166 -6.33 -13.52 -5.43
N TYR A 167 -5.99 -13.27 -6.70
CA TYR A 167 -6.57 -13.92 -7.86
C TYR A 167 -8.03 -13.56 -8.07
N ASN A 168 -8.49 -12.54 -7.33
CA ASN A 168 -9.84 -12.00 -7.40
C ASN A 168 -9.72 -10.49 -7.74
N TYR A 169 -10.35 -10.15 -8.85
CA TYR A 169 -10.33 -8.80 -9.39
C TYR A 169 -11.67 -8.12 -9.31
N LYS A 170 -12.58 -8.66 -8.51
CA LYS A 170 -13.95 -8.22 -8.37
C LYS A 170 -14.13 -7.63 -6.98
N GLU A 171 -14.38 -8.44 -5.99
CA GLU A 171 -14.48 -7.96 -4.62
C GLU A 171 -13.26 -7.16 -4.19
N THR A 172 -12.07 -7.49 -4.69
CA THR A 172 -10.85 -6.75 -4.39
C THR A 172 -10.95 -5.26 -4.74
N SER A 173 -11.78 -4.95 -5.74
CA SER A 173 -12.00 -3.56 -6.15
C SER A 173 -13.02 -2.78 -5.33
N TYR A 174 -13.74 -3.41 -4.40
CA TYR A 174 -14.95 -2.78 -3.89
C TYR A 174 -14.64 -1.66 -2.89
N PRO A 175 -15.43 -0.56 -2.92
CA PRO A 175 -15.34 0.54 -1.97
C PRO A 175 -16.21 0.22 -0.76
N VAL A 176 -15.78 -0.73 0.06
CA VAL A 176 -16.59 -1.23 1.14
C VAL A 176 -15.70 -1.69 2.27
N ALA A 177 -16.26 -1.65 3.48
CA ALA A 177 -15.66 -2.21 4.71
C ALA A 177 -16.76 -2.84 5.54
N VAL A 178 -16.37 -3.91 6.22
CA VAL A 178 -17.23 -4.62 7.16
C VAL A 178 -16.66 -4.46 8.57
N PHE A 179 -17.56 -4.27 9.55
CA PHE A 179 -17.21 -4.16 10.98
C PHE A 179 -18.04 -5.22 11.72
N LYS A 180 -17.40 -6.36 11.99
CA LYS A 180 -18.06 -7.51 12.64
C LYS A 180 -17.81 -7.45 14.15
N TRP A 181 -18.84 -7.03 14.88
CA TRP A 181 -18.79 -6.84 16.33
C TRP A 181 -19.09 -8.13 17.07
N THR A 182 -18.36 -8.29 18.18
CA THR A 182 -18.63 -9.36 19.17
C THR A 182 -18.73 -8.71 20.53
N ALA A 183 -19.77 -9.11 21.26
CA ALA A 183 -20.03 -8.60 22.61
C ALA A 183 -20.24 -9.77 23.57
N TYR A 184 -19.55 -9.72 24.71
CA TYR A 184 -19.56 -10.83 25.68
C TYR A 184 -19.77 -10.24 27.07
N ASN A 185 -20.63 -10.88 27.86
CA ASN A 185 -20.89 -10.47 29.25
C ASN A 185 -20.21 -11.44 30.24
N PRO A 186 -19.04 -11.06 30.80
CA PRO A 186 -18.36 -11.93 31.80
C PRO A 186 -18.92 -11.76 33.20
N THR A 187 -19.90 -10.88 33.43
CA THR A 187 -20.40 -10.58 34.79
C THR A 187 -21.61 -11.43 35.14
N ASN A 188 -22.12 -11.32 36.37
N ASN A 188 -22.07 -11.28 36.39
CA ASN A 188 -23.30 -12.11 36.74
CA ASN A 188 -23.22 -12.00 36.91
C ASN A 188 -24.54 -11.26 36.80
C ASN A 188 -24.50 -11.19 36.90
N LYS A 189 -24.56 -10.15 36.06
CA LYS A 189 -25.77 -9.32 35.93
C LYS A 189 -26.11 -9.18 34.47
N ASN A 190 -27.41 -9.03 34.19
CA ASN A 190 -27.85 -8.66 32.84
C ASN A 190 -27.39 -7.25 32.55
N VAL A 191 -26.92 -7.05 31.34
CA VAL A 191 -26.44 -5.72 30.88
C VAL A 191 -27.10 -5.35 29.54
N ASP A 192 -27.75 -4.18 29.49
CA ASP A 192 -28.23 -3.58 28.24
C ASP A 192 -27.06 -2.92 27.53
N VAL A 193 -26.91 -3.23 26.24
CA VAL A 193 -25.81 -2.71 25.41
C VAL A 193 -26.34 -2.13 24.11
N SER A 194 -25.76 -1.00 23.71
N SER A 194 -25.74 -1.02 23.70
CA SER A 194 -25.93 -0.52 22.35
CA SER A 194 -25.97 -0.51 22.34
C SER A 194 -24.61 -0.25 21.69
C SER A 194 -24.66 -0.15 21.66
N ILE A 195 -24.56 -0.42 20.34
CA ILE A 195 -23.43 -0.05 19.54
C ILE A 195 -23.98 0.86 18.41
N MET A 196 -23.36 2.03 18.27
CA MET A 196 -23.83 3.01 17.28
C MET A 196 -22.69 3.40 16.36
N PHE A 197 -23.00 3.36 15.07
CA PHE A 197 -22.12 3.86 14.01
C PHE A 197 -22.67 5.23 13.57
N THR A 198 -21.78 6.24 13.61
CA THR A 198 -22.10 7.56 13.09
C THR A 198 -21.16 7.85 11.92
N TRP A 199 -21.72 8.57 10.94
CA TRP A 199 -20.97 8.92 9.74
C TRP A 199 -21.46 10.28 9.22
N GLN A 200 -20.49 11.15 8.89
CA GLN A 200 -20.80 12.40 8.22
C GLN A 200 -21.12 12.19 6.75
N ASN A 201 -22.12 12.94 6.26
CA ASN A 201 -22.32 13.02 4.82
C ASN A 201 -21.21 13.82 4.24
N MET A 202 -20.20 13.11 3.71
CA MET A 202 -18.97 13.70 3.24
C MET A 202 -18.96 14.08 1.75
N ILE A 203 -20.12 14.09 1.11
CA ILE A 203 -20.17 14.64 -0.24
C ILE A 203 -19.75 16.11 -0.18
N GLY A 204 -18.77 16.48 -0.99
CA GLY A 204 -18.19 17.81 -0.92
C GLY A 204 -16.90 17.96 -0.17
N PHE A 205 -16.43 16.87 0.46
CA PHE A 205 -15.15 16.90 1.21
C PHE A 205 -13.98 17.24 0.31
N PHE A 206 -14.05 16.81 -0.97
CA PHE A 206 -13.05 17.24 -1.98
C PHE A 206 -13.77 17.37 -3.31
N GLY A 207 -13.15 18.09 -4.23
CA GLY A 207 -13.58 18.10 -5.59
C GLY A 207 -14.62 19.18 -5.88
N LYS A 208 -15.28 19.72 -4.83
CA LYS A 208 -16.37 20.65 -5.02
C LYS A 208 -15.82 22.02 -4.66
N GLN A 209 -15.91 22.97 -5.60
CA GLN A 209 -15.15 24.22 -5.45
C GLN A 209 -15.87 25.27 -4.61
N VAL A 210 -17.18 25.18 -4.56
CA VAL A 210 -18.04 26.12 -3.81
C VAL A 210 -19.17 25.28 -3.15
N ASN A 211 -19.76 25.87 -2.13
CA ASN A 211 -21.01 25.33 -1.51
C ASN A 211 -20.82 23.87 -1.12
N VAL A 212 -19.82 23.62 -0.28
CA VAL A 212 -19.39 22.23 -0.07
C VAL A 212 -20.39 21.29 0.53
N ASN A 213 -21.32 21.79 1.37
CA ASN A 213 -22.39 20.92 1.89
C ASN A 213 -23.73 21.02 1.15
N SER A 214 -23.86 22.06 0.28
CA SER A 214 -25.17 22.44 -0.23
C SER A 214 -25.80 21.30 -1.02
N GLY A 215 -27.03 20.93 -0.68
CA GLY A 215 -27.73 19.86 -1.39
C GLY A 215 -27.53 18.47 -0.79
N ASN A 216 -26.63 18.37 0.20
CA ASN A 216 -26.44 17.06 0.82
C ASN A 216 -27.71 16.67 1.56
N PHE A 217 -28.10 15.41 1.48
CA PHE A 217 -29.24 14.91 2.21
C PHE A 217 -29.08 13.43 2.49
N ASN A 218 -29.79 12.99 3.52
CA ASN A 218 -29.67 11.62 4.02
C ASN A 218 -31.00 10.90 3.95
N LYS A 219 -30.99 9.64 3.54
CA LYS A 219 -32.19 8.80 3.52
C LYS A 219 -31.92 7.48 4.24
N ILE A 220 -33.02 6.88 4.70
CA ILE A 220 -32.97 5.61 5.39
C ILE A 220 -33.62 4.54 4.54
N ILE A 221 -32.93 3.41 4.35
CA ILE A 221 -33.46 2.28 3.59
C ILE A 221 -33.64 1.13 4.58
N LYS A 222 -34.81 0.53 4.55
CA LYS A 222 -35.13 -0.68 5.36
C LYS A 222 -35.41 -1.80 4.38
N ASP A 223 -34.52 -2.78 4.34
CA ASP A 223 -34.64 -3.90 3.44
C ASP A 223 -35.04 -5.10 4.29
N LYS A 224 -36.30 -5.52 4.22
N LYS A 224 -36.28 -5.59 4.14
CA LYS A 224 -36.80 -6.66 4.98
CA LYS A 224 -36.83 -6.67 5.01
C LYS A 224 -37.00 -7.78 3.99
C LYS A 224 -37.09 -8.03 4.30
N SER A 225 -36.01 -8.68 3.92
CA SER A 225 -36.01 -9.97 3.19
C SER A 225 -35.83 -11.12 4.20
N GLU A 229 -32.94 -8.76 7.54
CA GLU A 229 -33.25 -7.34 7.58
C GLU A 229 -31.99 -6.48 7.65
N ILE A 230 -31.90 -5.47 6.77
CA ILE A 230 -30.83 -4.50 6.77
C ILE A 230 -31.47 -3.11 6.95
N VAL A 231 -30.84 -2.29 7.78
CA VAL A 231 -31.22 -0.85 7.88
C VAL A 231 -29.95 -0.10 7.56
N ALA A 232 -30.07 0.85 6.63
CA ALA A 232 -28.95 1.63 6.19
C ALA A 232 -29.31 3.10 6.01
N ALA A 233 -28.32 3.94 6.18
CA ALA A 233 -28.39 5.38 5.81
C ALA A 233 -27.60 5.54 4.51
N VAL A 234 -28.17 6.30 3.58
CA VAL A 234 -27.53 6.69 2.31
C VAL A 234 -27.40 8.18 2.35
N MET A 235 -26.17 8.65 2.30
CA MET A 235 -25.79 10.04 2.41
C MET A 235 -25.32 10.50 1.05
N GLY A 236 -26.14 11.33 0.41
CA GLY A 236 -25.91 11.73 -0.98
C GLY A 236 -26.18 13.21 -1.16
N ASN A 237 -26.43 13.56 -2.43
CA ASN A 237 -26.68 14.98 -2.76
C ASN A 237 -27.77 15.01 -3.83
N ILE A 238 -28.59 16.09 -3.78
CA ILE A 238 -29.72 16.22 -4.71
C ILE A 238 -29.28 16.33 -6.16
N SER A 239 -28.08 16.81 -6.38
CA SER A 239 -27.58 16.92 -7.74
C SER A 239 -27.34 15.57 -8.42
N ASN A 240 -27.56 15.53 -9.73
CA ASN A 240 -27.18 14.37 -10.54
C ASN A 240 -25.92 14.65 -11.39
N ASP A 241 -25.16 15.71 -11.04
CA ASP A 241 -23.89 16.05 -11.75
C ASP A 241 -22.91 14.84 -11.71
N ASN A 242 -22.29 14.52 -12.86
CA ASN A 242 -21.30 13.44 -12.93
C ASN A 242 -19.92 14.07 -12.78
N GLU A 243 -19.49 14.22 -11.54
CA GLU A 243 -18.24 14.90 -11.15
C GLU A 243 -17.61 14.05 -10.04
N GLU A 244 -16.30 14.25 -9.81
CA GLU A 244 -15.57 13.48 -8.83
C GLU A 244 -16.13 13.63 -7.45
N TRP A 245 -16.73 14.80 -7.15
CA TRP A 245 -17.25 15.02 -5.80
C TRP A 245 -18.56 14.31 -5.49
N ASN A 246 -19.34 13.92 -6.51
CA ASN A 246 -20.70 13.46 -6.33
C ASN A 246 -20.81 11.96 -6.28
N GLY A 247 -21.75 11.47 -5.48
CA GLY A 247 -21.93 10.06 -5.26
C GLY A 247 -22.66 9.91 -3.93
N GLU A 248 -22.37 8.79 -3.24
CA GLU A 248 -23.06 8.45 -1.98
C GLU A 248 -22.10 7.74 -1.06
N TYR A 249 -22.20 8.02 0.22
CA TYR A 249 -21.69 7.12 1.30
C TYR A 249 -22.94 6.34 1.89
N SER A 250 -22.71 5.12 2.42
CA SER A 250 -23.73 4.43 3.16
C SER A 250 -23.14 3.75 4.38
N ILE A 251 -23.89 3.76 5.49
CA ILE A 251 -23.57 2.91 6.67
C ILE A 251 -24.81 2.12 6.99
N GLY A 252 -24.63 0.95 7.59
CA GLY A 252 -25.78 0.14 7.89
C GLY A 252 -25.42 -1.07 8.74
N VAL A 253 -26.46 -1.82 9.05
CA VAL A 253 -26.34 -2.98 9.94
C VAL A 253 -27.34 -4.02 9.48
N LYS A 254 -26.99 -5.29 9.76
CA LYS A 254 -27.87 -6.41 9.50
C LYS A 254 -28.41 -6.91 10.84
N LYS A 255 -29.73 -7.13 10.88
CA LYS A 255 -30.39 -7.63 12.06
C LYS A 255 -29.94 -9.07 12.33
N VAL A 256 -29.69 -9.37 13.60
CA VAL A 256 -29.45 -10.72 14.08
C VAL A 256 -30.43 -10.99 15.23
N PRO A 257 -30.70 -12.27 15.52
CA PRO A 257 -31.56 -12.59 16.62
C PRO A 257 -31.09 -11.97 17.94
N GLY A 258 -32.03 -11.42 18.69
CA GLY A 258 -31.76 -10.78 19.95
C GLY A 258 -31.35 -9.34 19.94
N VAL A 259 -31.14 -8.75 18.75
N VAL A 259 -31.40 -8.74 18.75
CA VAL A 259 -30.91 -7.28 18.69
CA VAL A 259 -30.88 -7.39 18.58
C VAL A 259 -32.08 -6.59 18.03
C VAL A 259 -31.92 -6.51 17.86
N ASP A 260 -32.23 -5.35 18.41
CA ASP A 260 -33.11 -4.37 17.73
C ASP A 260 -32.24 -3.30 17.11
N ILE A 261 -32.76 -2.68 16.06
CA ILE A 261 -32.09 -1.61 15.32
C ILE A 261 -32.83 -0.30 15.55
N SER A 262 -32.08 0.76 15.76
CA SER A 262 -32.62 2.10 15.71
C SER A 262 -31.70 2.98 14.83
N TYR A 263 -32.20 4.17 14.49
CA TYR A 263 -31.44 5.06 13.57
C TYR A 263 -31.82 6.51 13.80
N LYS A 264 -30.96 7.39 13.27
CA LYS A 264 -31.32 8.77 13.15
C LYS A 264 -30.79 9.22 11.79
N ALA A 265 -31.70 9.69 10.95
CA ALA A 265 -31.28 10.04 9.59
C ALA A 265 -30.41 11.27 9.49
N LYS A 266 -30.68 12.28 10.32
CA LYS A 266 -30.01 13.56 10.18
C LYS A 266 -29.67 14.15 11.53
N PHE A 267 -28.38 14.24 11.79
CA PHE A 267 -27.87 15.08 12.88
C PHE A 267 -26.89 16.07 12.34
N VAL A 268 -26.72 17.19 13.03
CA VAL A 268 -25.86 18.25 12.52
C VAL A 268 -24.44 18.06 13.02
N THR A 269 -23.50 17.90 12.08
CA THR A 269 -22.11 17.71 12.45
C THR A 269 -21.34 18.98 12.78
N THR A 270 -21.87 20.09 12.25
CA THR A 270 -21.37 21.41 12.57
C THR A 270 -22.20 22.03 13.71
N GLY A 271 -22.43 21.25 14.74
CA GLY A 271 -23.14 21.68 15.92
C GLY A 271 -22.61 20.88 17.09
N ASP A 272 -23.28 20.95 18.23
CA ASP A 272 -22.75 20.32 19.44
C ASP A 272 -23.04 18.79 19.54
N GLY A 273 -23.78 18.25 18.58
CA GLY A 273 -24.07 16.85 18.52
C GLY A 273 -25.12 16.34 19.46
N SER A 274 -25.74 17.22 20.21
CA SER A 274 -26.68 16.78 21.27
C SER A 274 -28.03 16.30 20.72
N ASP A 275 -28.38 16.73 19.49
CA ASP A 275 -29.53 16.24 18.78
C ASP A 275 -29.50 14.71 18.71
N LEU A 276 -28.32 14.17 18.53
CA LEU A 276 -28.14 12.73 18.50
C LEU A 276 -27.82 12.19 19.92
N TRP A 277 -26.86 12.83 20.58
CA TRP A 277 -26.25 12.24 21.83
C TRP A 277 -27.23 12.19 22.97
N HIS A 278 -28.18 13.13 23.07
N HIS A 278 -28.13 13.15 23.10
CA HIS A 278 -29.21 13.10 24.16
CA HIS A 278 -29.07 13.09 24.21
C HIS A 278 -30.11 11.89 24.07
C HIS A 278 -29.95 11.81 24.10
N GLU A 279 -30.21 11.34 22.87
CA GLU A 279 -30.96 10.09 22.64
C GLU A 279 -30.11 8.88 23.02
N PHE A 280 -28.93 8.83 22.46
CA PHE A 280 -28.07 7.67 22.65
C PHE A 280 -27.66 7.51 24.13
N SER A 281 -27.38 8.62 24.81
CA SER A 281 -26.88 8.52 26.18
C SER A 281 -27.97 8.19 27.17
N LYS A 282 -29.25 8.33 26.80
CA LYS A 282 -30.32 8.00 27.75
C LYS A 282 -30.49 6.50 27.93
N ASN A 283 -30.68 5.81 26.83
CA ASN A 283 -30.98 4.36 26.84
C ASN A 283 -30.41 3.62 25.63
N GLY A 284 -29.51 4.27 24.89
CA GLY A 284 -28.93 3.59 23.76
C GLY A 284 -29.84 3.32 22.55
N ILE A 285 -30.93 4.09 22.47
CA ILE A 285 -31.95 3.91 21.44
C ILE A 285 -32.23 5.26 20.79
N LEU A 286 -32.13 5.29 19.45
CA LEU A 286 -32.31 6.51 18.68
C LEU A 286 -33.79 6.73 18.34
N ASP A 287 -34.05 7.90 17.78
CA ASP A 287 -35.40 8.38 17.53
C ASP A 287 -36.14 7.77 16.33
N ASN A 288 -35.40 7.09 15.46
CA ASN A 288 -35.93 6.52 14.21
C ASN A 288 -36.57 7.65 13.35
N LYS A 289 -35.96 8.84 13.42
CA LYS A 289 -36.50 10.02 12.69
C LYS A 289 -35.89 10.09 11.30
N ASP A 290 -36.73 9.81 10.32
CA ASP A 290 -36.38 10.08 8.91
C ASP A 290 -36.50 11.58 8.63
N ASP A 291 -35.62 12.12 7.79
CA ASP A 291 -35.66 13.53 7.40
C ASP A 291 -34.76 13.70 6.18
N GLU A 292 -35.39 13.83 4.99
CA GLU A 292 -34.65 13.99 3.74
C GLU A 292 -34.41 15.43 3.38
N THR A 293 -34.57 16.36 4.33
CA THR A 293 -34.39 17.75 3.99
C THR A 293 -32.93 17.98 3.62
N PRO A 294 -32.64 18.55 2.41
CA PRO A 294 -31.27 18.89 2.12
C PRO A 294 -30.72 20.01 3.00
N THR A 295 -29.42 19.96 3.26
CA THR A 295 -28.75 21.01 3.98
C THR A 295 -28.26 22.12 3.02
N LYS A 296 -27.91 23.27 3.59
CA LYS A 296 -27.37 24.43 2.87
C LYS A 296 -25.90 24.57 3.30
N GLN A 297 -25.62 25.18 4.43
N GLN A 297 -25.66 25.14 4.46
CA GLN A 297 -24.25 25.32 4.93
CA GLN A 297 -24.32 25.36 4.96
C GLN A 297 -23.87 24.33 6.04
C GLN A 297 -23.90 24.32 6.00
N ASP A 298 -24.83 23.83 6.83
CA ASP A 298 -24.51 22.91 7.89
C ASP A 298 -24.02 21.58 7.34
N GLY A 299 -23.04 21.03 8.05
CA GLY A 299 -22.70 19.65 7.82
C GLY A 299 -23.69 18.72 8.49
N ILE A 300 -23.98 17.58 7.85
CA ILE A 300 -24.96 16.64 8.39
C ILE A 300 -24.37 15.24 8.37
N GLY A 301 -24.98 14.37 9.15
CA GLY A 301 -24.58 13.01 9.32
C GLY A 301 -25.75 12.09 9.69
N SER A 302 -25.50 10.77 9.67
CA SER A 302 -26.48 9.77 9.98
C SER A 302 -25.92 8.84 11.08
N ALA A 303 -26.83 8.16 11.75
CA ALA A 303 -26.47 7.22 12.83
C ALA A 303 -27.34 5.96 12.70
N ILE A 304 -26.64 4.82 12.86
CA ILE A 304 -27.27 3.47 12.87
C ILE A 304 -26.84 2.77 14.16
N ALA A 305 -27.83 2.29 14.94
CA ALA A 305 -27.51 1.65 16.22
C ALA A 305 -28.23 0.33 16.36
N VAL A 306 -27.61 -0.54 17.19
CA VAL A 306 -28.26 -1.76 17.68
C VAL A 306 -28.31 -1.73 19.19
N ASN A 307 -29.37 -2.31 19.74
CA ASN A 307 -29.51 -2.45 21.18
C ASN A 307 -29.90 -3.88 21.49
N PHE A 308 -29.34 -4.38 22.60
CA PHE A 308 -29.57 -5.75 22.98
C PHE A 308 -29.28 -5.93 24.48
N LYS A 309 -29.85 -6.98 25.03
CA LYS A 309 -29.62 -7.39 26.43
C LYS A 309 -28.74 -8.60 26.41
N LEU A 310 -27.64 -8.55 27.15
CA LEU A 310 -26.77 -9.75 27.32
C LEU A 310 -26.88 -10.28 28.73
N GLN A 311 -27.30 -11.53 28.80
CA GLN A 311 -27.33 -12.28 30.04
C GLN A 311 -25.90 -12.69 30.42
N PRO A 312 -25.69 -13.06 31.68
CA PRO A 312 -24.39 -13.55 32.10
C PRO A 312 -23.91 -14.66 31.20
N GLY A 313 -22.67 -14.50 30.73
CA GLY A 313 -22.00 -15.53 29.94
C GLY A 313 -22.42 -15.53 28.45
N GLN A 314 -23.29 -14.59 28.05
CA GLN A 314 -23.77 -14.56 26.68
C GLN A 314 -22.85 -13.80 25.74
N THR A 315 -22.76 -14.30 24.52
CA THR A 315 -22.05 -13.63 23.42
C THR A 315 -23.05 -13.32 22.30
N ILE A 316 -22.88 -12.17 21.64
CA ILE A 316 -23.62 -11.88 20.43
C ILE A 316 -22.66 -11.27 19.40
N GLU A 317 -22.95 -11.55 18.12
CA GLU A 317 -22.18 -11.03 16.98
C GLU A 317 -23.12 -10.25 16.10
N VAL A 318 -22.67 -9.08 15.66
CA VAL A 318 -23.52 -8.23 14.79
C VAL A 318 -22.65 -7.50 13.80
N PRO A 319 -23.01 -7.57 12.48
CA PRO A 319 -22.21 -6.86 11.47
C PRO A 319 -22.78 -5.53 11.02
N PHE A 320 -21.86 -4.58 10.95
CA PHE A 320 -22.12 -3.28 10.33
C PHE A 320 -21.26 -3.20 9.07
N ALA A 321 -21.57 -2.23 8.19
CA ALA A 321 -20.79 -1.99 7.00
C ALA A 321 -20.81 -0.51 6.66
N LEU A 322 -19.82 -0.17 5.81
CA LEU A 322 -19.66 1.11 5.22
C LEU A 322 -19.33 1.00 3.77
N SER A 323 -20.01 1.77 2.89
CA SER A 323 -19.65 1.81 1.48
C SER A 323 -19.53 3.24 0.99
N TRP A 324 -18.84 3.40 -0.14
CA TRP A 324 -18.72 4.73 -0.75
C TRP A 324 -18.71 4.59 -2.25
N ASP A 325 -19.78 5.05 -2.85
CA ASP A 325 -19.95 5.03 -4.29
C ASP A 325 -19.61 6.41 -4.82
N LEU A 326 -18.35 6.56 -5.18
CA LEU A 326 -17.76 7.80 -5.74
C LEU A 326 -17.17 7.37 -7.06
N PRO A 327 -18.02 7.31 -8.12
CA PRO A 327 -17.59 6.54 -9.31
C PRO A 327 -16.50 7.18 -10.16
N ILE A 328 -16.31 8.51 -10.02
CA ILE A 328 -15.43 9.22 -10.91
C ILE A 328 -14.21 9.70 -10.19
N MET A 329 -13.04 9.42 -10.74
CA MET A 329 -11.81 10.04 -10.31
C MET A 329 -11.37 11.08 -11.32
N LYS A 330 -10.92 12.21 -10.84
CA LYS A 330 -10.41 13.28 -11.69
C LYS A 330 -8.95 13.50 -11.35
N PHE A 331 -8.12 13.66 -12.38
CA PHE A 331 -6.71 13.99 -12.23
C PHE A 331 -6.47 15.45 -12.58
N GLY A 332 -5.37 16.02 -12.08
CA GLY A 332 -5.15 17.48 -12.17
C GLY A 332 -5.03 18.03 -13.59
N GLY A 333 -4.67 17.18 -14.56
CA GLY A 333 -4.61 17.57 -15.95
C GLY A 333 -5.96 17.60 -16.62
N GLY A 334 -7.03 17.17 -15.94
CA GLY A 334 -8.37 17.31 -16.40
C GLY A 334 -9.14 16.06 -16.77
N ASP A 335 -8.44 14.94 -16.92
CA ASP A 335 -9.11 13.69 -17.27
C ASP A 335 -9.92 13.15 -16.13
N LYS A 336 -11.10 12.64 -16.48
CA LYS A 336 -12.01 11.98 -15.54
C LYS A 336 -12.19 10.53 -16.03
N TRP A 337 -12.09 9.60 -15.08
CA TRP A 337 -12.19 8.15 -15.34
C TRP A 337 -13.17 7.56 -14.36
N TYR A 338 -13.84 6.49 -14.76
CA TYR A 338 -14.59 5.65 -13.84
C TYR A 338 -13.65 4.70 -13.13
N LYS A 339 -13.96 4.45 -11.86
CA LYS A 339 -13.19 3.49 -11.05
C LYS A 339 -13.61 2.06 -11.35
N MET A 340 -12.68 1.12 -11.12
CA MET A 340 -12.94 -0.28 -11.47
C MET A 340 -14.25 -0.85 -10.99
N TYR A 341 -14.57 -0.60 -9.69
CA TYR A 341 -15.73 -1.26 -9.14
C TYR A 341 -17.03 -0.96 -9.88
N THR A 342 -17.03 0.16 -10.64
CA THR A 342 -18.24 0.50 -11.39
C THR A 342 -18.63 -0.55 -12.45
N LYS A 343 -17.68 -1.43 -12.79
CA LYS A 343 -17.99 -2.57 -13.63
C LYS A 343 -19.07 -3.47 -13.04
N TYR A 344 -19.05 -3.53 -11.70
CA TYR A 344 -19.89 -4.47 -10.99
C TYR A 344 -21.17 -3.83 -10.43
N PHE A 345 -21.11 -2.54 -10.20
CA PHE A 345 -22.23 -1.83 -9.55
C PHE A 345 -22.91 -0.71 -10.32
N GLY A 346 -22.29 -0.30 -11.41
CA GLY A 346 -22.82 0.84 -12.18
C GLY A 346 -21.97 2.10 -11.98
N LYS A 347 -22.23 3.06 -12.86
CA LYS A 347 -21.46 4.31 -12.94
C LYS A 347 -22.21 5.57 -12.49
N ASN A 348 -23.50 5.45 -12.15
CA ASN A 348 -24.29 6.65 -11.91
C ASN A 348 -24.17 7.24 -10.48
N GLY A 349 -23.33 6.65 -9.60
CA GLY A 349 -23.17 7.24 -8.27
C GLY A 349 -24.35 7.10 -7.32
N LYS A 350 -25.29 6.19 -7.61
CA LYS A 350 -26.48 6.01 -6.77
C LYS A 350 -26.59 4.54 -6.30
N ASN A 351 -25.42 3.94 -6.04
CA ASN A 351 -25.34 2.51 -5.80
C ASN A 351 -24.73 2.14 -4.46
N SER A 352 -24.61 3.08 -3.51
CA SER A 352 -23.99 2.75 -2.24
C SER A 352 -24.76 1.70 -1.48
N PHE A 353 -26.08 1.69 -1.53
CA PHE A 353 -26.85 0.68 -0.77
C PHE A 353 -26.54 -0.71 -1.35
N ALA A 354 -26.55 -0.84 -2.69
CA ALA A 354 -26.28 -2.13 -3.31
C ALA A 354 -24.91 -2.70 -2.83
N ILE A 355 -23.90 -1.85 -2.76
CA ILE A 355 -22.55 -2.26 -2.33
C ILE A 355 -22.61 -2.74 -0.87
N LEU A 356 -23.22 -1.92 -0.03
CA LEU A 356 -23.33 -2.24 1.42
C LEU A 356 -24.08 -3.54 1.62
N LYS A 357 -25.19 -3.73 0.88
CA LYS A 357 -25.99 -4.97 1.00
C LYS A 357 -25.18 -6.18 0.62
N GLU A 358 -24.43 -6.08 -0.47
CA GLU A 358 -23.58 -7.17 -0.87
C GLU A 358 -22.63 -7.56 0.26
N ALA A 359 -22.02 -6.56 0.88
CA ALA A 359 -21.13 -6.83 2.03
C ALA A 359 -21.85 -7.47 3.20
N LEU A 360 -22.97 -6.92 3.62
CA LEU A 360 -23.63 -7.44 4.79
C LEU A 360 -24.15 -8.86 4.55
N ASN A 361 -24.46 -9.25 3.31
CA ASN A 361 -24.98 -10.55 3.02
C ASN A 361 -23.90 -11.61 2.69
N ASN A 362 -22.65 -11.17 2.46
CA ASN A 362 -21.58 -12.06 2.01
C ASN A 362 -20.30 -11.99 2.84
N TYR A 363 -20.29 -11.22 3.93
CA TYR A 363 -19.03 -10.98 4.60
C TYR A 363 -18.42 -12.28 5.17
N GLN A 364 -19.27 -13.25 5.60
CA GLN A 364 -18.72 -14.49 6.19
C GLN A 364 -17.92 -15.25 5.12
N LYS A 365 -18.44 -15.25 3.90
N LYS A 365 -18.43 -15.26 3.88
CA LYS A 365 -17.73 -15.84 2.76
CA LYS A 365 -17.69 -15.85 2.75
C LYS A 365 -16.37 -15.13 2.52
C LYS A 365 -16.35 -15.13 2.56
N TRP A 366 -16.38 -13.81 2.59
CA TRP A 366 -15.18 -13.03 2.40
C TRP A 366 -14.11 -13.33 3.46
N GLU A 367 -14.56 -13.46 4.72
CA GLU A 367 -13.65 -13.84 5.80
C GLU A 367 -12.94 -15.14 5.52
N LYS A 368 -13.71 -16.11 5.03
N LYS A 368 -13.70 -16.13 5.05
CA LYS A 368 -13.18 -17.44 4.71
CA LYS A 368 -13.13 -17.46 4.70
C LYS A 368 -12.22 -17.43 3.53
C LYS A 368 -12.13 -17.32 3.57
N MET A 369 -12.49 -16.57 2.54
CA MET A 369 -11.57 -16.38 1.42
C MET A 369 -10.25 -15.75 1.85
N ILE A 370 -10.31 -14.79 2.77
CA ILE A 370 -9.12 -14.19 3.32
C ILE A 370 -8.33 -15.22 4.14
N ASP A 371 -9.03 -15.97 4.98
CA ASP A 371 -8.35 -16.99 5.76
C ASP A 371 -7.67 -18.01 4.87
N ASP A 372 -8.33 -18.40 3.78
CA ASP A 372 -7.79 -19.41 2.91
C ASP A 372 -6.48 -18.95 2.29
N TRP A 373 -6.40 -17.68 1.88
CA TRP A 373 -5.14 -17.19 1.32
CA TRP A 373 -5.15 -17.15 1.32
C TRP A 373 -4.04 -16.94 2.34
N GLN A 374 -4.41 -16.53 3.55
CA GLN A 374 -3.38 -16.29 4.57
C GLN A 374 -2.86 -17.60 5.21
N LYS A 375 -3.66 -18.65 5.17
CA LYS A 375 -3.32 -19.89 5.92
C LYS A 375 -2.00 -20.55 5.53
N PRO A 376 -1.69 -20.68 4.23
CA PRO A 376 -0.41 -21.37 3.94
C PRO A 376 0.80 -20.76 4.62
N ILE A 377 0.83 -19.45 4.72
CA ILE A 377 1.91 -18.76 5.38
C ILE A 377 1.74 -18.85 6.90
N LEU A 378 0.55 -18.51 7.41
CA LEU A 378 0.37 -18.50 8.88
C LEU A 378 0.63 -19.85 9.49
N SER A 379 0.21 -20.90 8.81
CA SER A 379 0.37 -22.27 9.29
C SER A 379 1.79 -22.81 9.18
N ASN A 380 2.69 -22.09 8.55
CA ASN A 380 4.07 -22.57 8.37
C ASN A 380 4.86 -22.20 9.63
N LYS A 381 5.05 -23.22 10.49
CA LYS A 381 5.69 -22.97 11.79
C LYS A 381 7.22 -22.86 11.73
N SER A 382 7.82 -22.96 10.53
CA SER A 382 9.23 -22.67 10.38
C SER A 382 9.51 -21.19 10.26
N LYS A 383 8.47 -20.38 10.01
CA LYS A 383 8.68 -18.94 9.79
C LYS A 383 8.30 -18.17 11.05
N PRO A 384 9.17 -17.25 11.48
CA PRO A 384 8.85 -16.50 12.70
C PRO A 384 7.63 -15.59 12.54
N ASP A 385 6.93 -15.34 13.61
CA ASP A 385 5.79 -14.43 13.55
C ASP A 385 6.13 -13.05 13.03
N TRP A 386 7.27 -12.47 13.41
CA TRP A 386 7.58 -11.10 12.98
C TRP A 386 7.61 -11.02 11.48
N TYR A 387 8.07 -12.08 10.83
CA TYR A 387 8.18 -12.08 9.36
C TYR A 387 6.77 -12.07 8.77
N LYS A 388 5.84 -12.80 9.36
CA LYS A 388 4.46 -12.85 8.96
C LYS A 388 3.81 -11.48 9.15
N THR A 389 4.09 -10.82 10.26
CA THR A 389 3.58 -9.46 10.53
C THR A 389 3.95 -8.53 9.40
N ALA A 390 5.21 -8.51 9.05
CA ALA A 390 5.68 -7.65 7.97
C ALA A 390 5.11 -8.08 6.65
N LEU A 391 5.18 -9.33 6.31
CA LEU A 391 4.73 -9.79 4.99
C LEU A 391 3.29 -9.37 4.68
N PHE A 392 2.39 -9.57 5.63
CA PHE A 392 1.01 -9.24 5.34
C PHE A 392 0.80 -7.72 5.47
N ASN A 393 1.34 -7.10 6.51
CA ASN A 393 1.04 -5.70 6.71
C ASN A 393 1.67 -4.79 5.63
N GLU A 394 2.81 -5.14 5.03
CA GLU A 394 3.37 -4.30 3.97
C GLU A 394 2.41 -4.24 2.76
N LEU A 395 1.54 -5.22 2.60
CA LEU A 395 0.52 -5.23 1.52
C LEU A 395 -0.47 -4.06 1.64
N TYR A 396 -0.54 -3.37 2.77
CA TYR A 396 -1.41 -2.22 2.87
C TYR A 396 -1.20 -1.28 1.67
N TYR A 397 0.02 -1.16 1.22
CA TYR A 397 0.36 -0.15 0.18
C TYR A 397 -0.30 -0.44 -1.15
N LEU A 398 -0.62 -1.68 -1.48
CA LEU A 398 -1.27 -1.96 -2.76
C LEU A 398 -2.57 -1.22 -2.87
N ALA A 399 -3.34 -1.14 -1.80
CA ALA A 399 -4.57 -0.35 -1.78
C ALA A 399 -4.34 1.10 -1.45
N ASP A 400 -3.47 1.37 -0.47
N ASP A 400 -3.35 1.40 -0.63
CA ASP A 400 -3.23 2.73 0.02
CA ASP A 400 -3.17 2.72 -0.05
C ASP A 400 -2.46 3.64 -0.91
C ASP A 400 -2.13 3.62 -0.74
N GLY A 401 -1.68 3.12 -1.86
CA GLY A 401 -0.73 3.85 -2.67
C GLY A 401 -1.33 4.70 -3.81
N GLY A 402 -2.44 5.35 -3.55
CA GLY A 402 -3.03 6.22 -4.55
C GLY A 402 -3.52 5.43 -5.74
N THR A 403 -3.91 4.17 -5.54
CA THR A 403 -4.11 3.23 -6.61
C THR A 403 -5.24 3.64 -7.53
N ALA A 404 -4.92 3.63 -8.85
CA ALA A 404 -5.86 4.01 -9.89
C ALA A 404 -6.14 2.81 -10.76
N TRP A 405 -7.39 2.48 -11.02
CA TRP A 405 -7.74 1.30 -11.81
C TRP A 405 -9.01 1.66 -12.54
N GLU A 406 -8.87 1.94 -13.84
CA GLU A 406 -9.95 2.63 -14.58
C GLU A 406 -10.87 1.66 -15.30
N ASN A 407 -12.14 2.05 -15.40
CA ASN A 407 -13.18 1.37 -16.14
C ASN A 407 -13.86 2.33 -17.12
N GLY A 408 -13.00 3.04 -17.85
CA GLY A 408 -13.40 3.93 -18.93
C GLY A 408 -13.21 5.39 -18.64
N LYS A 409 -12.94 6.16 -19.68
N LYS A 409 -12.89 6.18 -19.66
CA LYS A 409 -12.87 7.61 -19.56
CA LYS A 409 -12.81 7.65 -19.53
C LYS A 409 -14.33 8.11 -19.54
C LYS A 409 -14.24 8.20 -19.63
N VAL A 410 -14.57 9.11 -18.72
CA VAL A 410 -15.87 9.74 -18.72
C VAL A 410 -16.10 10.43 -20.09
N GLY A 411 -17.25 10.14 -20.70
CA GLY A 411 -17.56 10.59 -22.05
C GLY A 411 -17.23 9.67 -23.20
N GLU A 412 -16.40 8.66 -22.96
CA GLU A 412 -16.03 7.77 -24.05
C GLU A 412 -17.07 6.69 -24.22
N ARG A 416 -13.38 -0.39 -24.30
CA ARG A 416 -12.11 -1.09 -24.35
C ARG A 416 -12.12 -2.43 -23.64
N THR A 417 -11.09 -3.22 -23.92
CA THR A 417 -10.93 -4.58 -23.37
C THR A 417 -10.27 -4.60 -22.01
N ASN A 418 -9.38 -3.66 -21.78
CA ASN A 418 -8.50 -3.72 -20.62
C ASN A 418 -8.81 -2.59 -19.69
N ASN A 419 -8.37 -2.76 -18.47
CA ASN A 419 -8.54 -1.75 -17.39
C ASN A 419 -7.18 -1.30 -16.94
N MET A 420 -6.77 -0.09 -17.26
CA MET A 420 -5.44 0.35 -16.92
C MET A 420 -5.30 0.54 -15.41
N PHE A 421 -4.09 0.35 -14.91
CA PHE A 421 -3.79 0.34 -13.48
C PHE A 421 -2.55 1.17 -13.23
N GLY A 422 -2.50 1.78 -12.05
CA GLY A 422 -1.31 2.43 -11.60
C GLY A 422 -1.25 2.52 -10.08
N LEU A 423 -0.05 2.26 -9.55
CA LEU A 423 0.29 2.44 -8.14
C LEU A 423 1.36 3.55 -8.05
N LEU A 424 1.19 4.46 -7.09
CA LEU A 424 2.16 5.53 -6.90
C LEU A 424 3.49 5.04 -6.37
N GLU A 425 4.55 5.71 -6.74
CA GLU A 425 5.86 5.62 -6.05
C GLU A 425 5.65 5.92 -4.59
N CYS A 426 5.05 7.08 -4.31
CA CYS A 426 4.63 7.51 -2.96
C CYS A 426 3.83 8.80 -3.20
N PHE A 427 3.44 9.49 -2.12
CA PHE A 427 2.69 10.75 -2.25
C PHE A 427 3.62 11.95 -2.40
N ASP A 428 4.79 11.96 -1.77
CA ASP A 428 5.77 13.04 -1.88
C ASP A 428 6.26 13.18 -3.33
N TYR A 429 6.42 12.03 -3.97
CA TYR A 429 6.95 11.94 -5.35
C TYR A 429 5.83 11.26 -6.16
N ASN A 430 4.88 12.08 -6.62
CA ASN A 430 3.55 11.61 -7.02
C ASN A 430 3.58 11.13 -8.46
N TYR A 431 4.21 9.97 -8.68
CA TYR A 431 4.47 9.40 -9.98
C TYR A 431 3.91 8.00 -10.04
N TYR A 432 3.08 7.66 -10.99
CA TYR A 432 2.55 6.32 -11.17
C TYR A 432 3.53 5.37 -11.80
N GLU A 433 3.64 4.17 -11.20
N GLU A 433 3.76 4.22 -11.17
CA GLU A 433 4.27 2.98 -11.76
CA GLU A 433 4.62 3.21 -11.76
C GLU A 433 5.76 3.08 -11.96
C GLU A 433 5.96 3.74 -12.23
N THR A 434 6.38 3.95 -11.22
N THR A 434 6.73 4.27 -11.27
CA THR A 434 7.79 4.27 -11.46
CA THR A 434 8.11 4.47 -11.41
C THR A 434 8.62 3.02 -11.63
C THR A 434 8.76 3.10 -11.60
N LEU A 435 9.13 2.77 -12.84
CA LEU A 435 9.55 1.40 -13.20
C LEU A 435 10.81 0.96 -12.46
N ASP A 436 11.76 1.88 -12.25
CA ASP A 436 12.98 1.58 -11.49
C ASP A 436 12.68 1.14 -10.06
N VAL A 437 11.54 1.55 -9.54
CA VAL A 437 11.07 1.22 -8.20
C VAL A 437 10.21 -0.03 -8.25
N ARG A 438 9.33 -0.19 -9.23
CA ARG A 438 8.45 -1.32 -9.35
C ARG A 438 9.23 -2.62 -9.62
N PHE A 439 10.44 -2.49 -10.14
CA PHE A 439 11.33 -3.64 -10.19
C PHE A 439 11.43 -4.40 -8.84
N TYR A 440 11.41 -3.63 -7.78
CA TYR A 440 11.33 -4.14 -6.42
C TYR A 440 9.92 -4.31 -5.92
N GLY A 441 9.08 -3.26 -6.09
CA GLY A 441 7.79 -3.22 -5.42
C GLY A 441 6.64 -4.01 -5.99
N SER A 442 6.83 -4.56 -7.20
CA SER A 442 5.73 -5.20 -7.86
C SER A 442 5.60 -6.70 -7.57
N PHE A 443 6.45 -7.25 -6.70
CA PHE A 443 6.34 -8.68 -6.37
C PHE A 443 4.94 -9.15 -5.95
N PRO A 444 4.24 -8.41 -5.04
CA PRO A 444 2.90 -8.88 -4.71
C PRO A 444 1.95 -8.96 -5.90
N LEU A 445 2.08 -8.01 -6.83
CA LEU A 445 1.15 -8.03 -7.99
C LEU A 445 1.43 -9.27 -8.88
N VAL A 446 2.70 -9.57 -9.18
CA VAL A 446 2.92 -10.74 -10.02
C VAL A 446 2.52 -12.03 -9.30
N MET A 447 2.75 -12.06 -7.99
CA MET A 447 2.50 -13.29 -7.22
C MET A 447 1.03 -13.54 -6.89
N LEU A 448 0.28 -12.44 -6.65
CA LEU A 448 -1.08 -12.53 -6.10
C LEU A 448 -2.20 -11.91 -6.99
N TRP A 449 -1.80 -10.99 -7.91
CA TRP A 449 -2.75 -10.38 -8.86
C TRP A 449 -2.13 -10.29 -10.24
N PRO A 450 -1.71 -11.44 -10.78
CA PRO A 450 -0.91 -11.41 -12.01
C PRO A 450 -1.57 -10.77 -13.25
N ASP A 451 -2.92 -10.80 -13.34
CA ASP A 451 -3.57 -10.11 -14.48
C ASP A 451 -3.36 -8.60 -14.42
N ILE A 452 -3.28 -8.02 -13.23
CA ILE A 452 -2.95 -6.61 -13.10
C ILE A 452 -1.52 -6.38 -13.50
N GLU A 453 -0.61 -7.22 -12.98
CA GLU A 453 0.80 -7.07 -13.29
C GLU A 453 1.06 -7.07 -14.81
N LYS A 454 0.48 -8.04 -15.49
CA LYS A 454 0.74 -8.14 -16.93
C LYS A 454 0.14 -6.95 -17.71
N GLN A 455 -0.99 -6.45 -17.25
CA GLN A 455 -1.58 -5.22 -17.82
C GLN A 455 -0.64 -4.04 -17.63
N VAL A 456 -0.01 -3.89 -16.46
CA VAL A 456 0.94 -2.78 -16.26
C VAL A 456 2.10 -2.93 -17.21
N MET A 457 2.65 -4.13 -17.33
CA MET A 457 3.76 -4.30 -18.22
C MET A 457 3.40 -4.04 -19.71
N ARG A 458 2.19 -4.42 -20.13
CA ARG A 458 1.72 -4.03 -21.49
C ARG A 458 1.60 -2.52 -21.65
N GLN A 459 1.25 -1.85 -20.58
CA GLN A 459 1.25 -0.36 -20.64
C GLN A 459 2.62 0.18 -20.94
N PHE A 460 3.64 -0.40 -20.33
CA PHE A 460 5.01 -0.01 -20.60
C PHE A 460 5.45 -0.38 -22.03
N ALA A 461 5.11 -1.61 -22.43
CA ALA A 461 5.41 -2.04 -23.81
C ALA A 461 4.88 -1.04 -24.83
N ASP A 462 3.66 -0.58 -24.58
CA ASP A 462 3.00 0.35 -25.50
C ASP A 462 3.69 1.72 -25.59
N THR A 463 4.47 2.10 -24.61
CA THR A 463 5.14 3.38 -24.57
C THR A 463 6.51 3.40 -25.20
N ILE A 464 7.09 2.23 -25.46
CA ILE A 464 8.51 2.28 -25.71
C ILE A 464 8.88 3.16 -26.92
N ASN A 465 8.08 3.11 -27.99
CA ASN A 465 8.38 3.91 -29.19
C ASN A 465 7.72 5.27 -29.23
N VAL A 466 7.05 5.67 -28.16
CA VAL A 466 6.57 7.02 -28.07
C VAL A 466 7.76 7.97 -28.10
N GLN A 467 7.56 9.08 -28.83
CA GLN A 467 8.53 10.17 -28.88
C GLN A 467 7.76 11.44 -28.56
N ASP A 468 8.33 12.23 -27.67
CA ASP A 468 7.88 13.57 -27.41
C ASP A 468 9.12 14.44 -27.34
N SER A 469 9.33 15.22 -28.41
CA SER A 469 10.49 16.09 -28.55
C SER A 469 10.36 17.44 -27.84
N SER A 470 9.20 17.72 -27.23
CA SER A 470 9.10 18.90 -26.39
C SER A 470 10.05 18.77 -25.23
N GLU A 471 10.50 19.93 -24.76
CA GLU A 471 11.56 20.01 -23.77
C GLU A 471 11.07 20.38 -22.38
N PHE A 472 11.77 19.85 -21.36
CA PHE A 472 11.51 20.20 -19.97
C PHE A 472 12.82 20.60 -19.31
N LYS A 473 12.71 21.42 -18.27
CA LYS A 473 13.85 21.79 -17.43
C LYS A 473 14.10 20.70 -16.37
N VAL A 474 15.32 20.16 -16.40
CA VAL A 474 15.77 19.12 -15.48
C VAL A 474 16.04 19.77 -14.13
N GLY A 475 15.42 19.26 -13.07
CA GLY A 475 15.51 19.88 -11.72
C GLY A 475 16.94 19.91 -11.17
N SER A 476 17.71 18.84 -11.38
CA SER A 476 19.00 18.70 -10.69
C SER A 476 20.03 19.75 -11.11
N ASN A 477 20.07 20.06 -12.40
CA ASN A 477 21.09 20.95 -12.97
C ASN A 477 20.52 22.08 -13.86
N GLY A 478 19.20 22.10 -14.03
CA GLY A 478 18.55 23.14 -14.82
C GLY A 478 18.84 23.13 -16.30
N ALA A 479 19.27 22.00 -16.84
CA ALA A 479 19.44 21.85 -18.28
C ALA A 479 18.07 21.52 -18.89
N MET A 480 18.01 21.73 -20.21
CA MET A 480 16.80 21.37 -20.94
C MET A 480 16.99 19.96 -21.53
N ALA A 481 15.92 19.16 -21.55
CA ALA A 481 16.00 17.79 -22.10
C ALA A 481 14.69 17.43 -22.80
N VAL A 482 14.78 16.53 -23.78
CA VAL A 482 13.63 15.96 -24.48
C VAL A 482 12.79 15.11 -23.50
N LYS A 483 11.44 15.25 -23.57
CA LYS A 483 10.54 14.56 -22.67
C LYS A 483 10.62 13.04 -22.77
N LYS A 484 10.53 12.52 -23.98
CA LYS A 484 10.50 11.07 -24.16
C LYS A 484 11.17 10.71 -25.49
N VAL A 485 12.17 9.81 -25.42
CA VAL A 485 12.97 9.40 -26.54
C VAL A 485 12.50 8.02 -27.00
N GLN A 486 12.35 7.85 -28.31
CA GLN A 486 11.96 6.59 -28.92
C GLN A 486 12.95 5.50 -28.51
N GLY A 487 12.40 4.39 -28.03
CA GLY A 487 13.20 3.21 -27.65
C GLY A 487 13.67 3.19 -26.21
N MET A 488 13.44 4.31 -25.48
CA MET A 488 13.71 4.35 -24.06
C MET A 488 12.45 4.11 -23.31
N ILE A 489 12.51 3.20 -22.31
CA ILE A 489 11.41 2.94 -21.44
C ILE A 489 11.19 4.19 -20.57
N PRO A 490 9.91 4.57 -20.36
CA PRO A 490 9.68 5.75 -19.50
C PRO A 490 9.91 5.45 -18.00
N HIS A 491 10.34 6.47 -17.29
CA HIS A 491 10.47 6.38 -15.85
C HIS A 491 9.15 6.08 -15.15
N ASP A 492 8.08 6.72 -15.61
CA ASP A 492 6.80 6.61 -14.94
C ASP A 492 5.68 6.85 -15.98
N LEU A 493 4.47 6.53 -15.58
CA LEU A 493 3.25 6.69 -16.39
C LEU A 493 2.40 7.88 -15.98
N GLY A 494 3.06 8.91 -15.45
CA GLY A 494 2.38 10.17 -15.17
C GLY A 494 2.19 10.45 -13.69
N SER A 495 1.51 11.54 -13.39
CA SER A 495 1.23 11.98 -12.05
C SER A 495 -0.23 12.21 -11.86
N SER A 496 -0.73 11.99 -10.63
CA SER A 496 -2.15 12.32 -10.35
C SER A 496 -2.47 13.83 -10.49
N TYR A 497 -1.45 14.67 -10.43
CA TYR A 497 -1.58 16.12 -10.64
C TYR A 497 -1.70 16.48 -12.10
N ALA A 498 -1.48 15.54 -12.98
CA ALA A 498 -1.41 15.74 -14.43
C ALA A 498 -2.32 14.68 -15.09
N LEU A 499 -1.76 13.79 -15.94
CA LEU A 499 -2.56 12.88 -16.75
C LEU A 499 -1.99 11.46 -16.74
N PRO A 500 -2.34 10.71 -15.69
CA PRO A 500 -1.94 9.30 -15.65
C PRO A 500 -2.29 8.58 -16.94
N TRP A 501 -1.34 7.71 -17.35
CA TRP A 501 -1.47 6.86 -18.55
C TRP A 501 -1.39 7.59 -19.89
N ILE A 502 -1.57 8.90 -19.90
CA ILE A 502 -1.63 9.66 -21.10
C ILE A 502 -0.35 10.50 -21.32
N LYS A 503 0.07 11.20 -20.28
CA LYS A 503 1.30 11.96 -20.27
C LYS A 503 2.28 11.25 -19.37
N ILE A 504 3.28 10.60 -19.98
CA ILE A 504 4.27 9.77 -19.25
C ILE A 504 5.48 10.61 -18.94
N ASN A 505 6.38 10.10 -18.09
CA ASN A 505 7.58 10.86 -17.68
C ASN A 505 7.24 12.21 -17.02
N ALA A 506 6.37 12.16 -16.03
CA ALA A 506 6.11 13.31 -15.22
C ALA A 506 7.31 13.72 -14.37
N TYR A 507 8.09 12.75 -13.91
CA TYR A 507 9.28 13.03 -13.10
C TYR A 507 10.27 13.85 -13.90
N ASP A 508 10.82 14.86 -13.23
CA ASP A 508 11.73 15.82 -13.87
C ASP A 508 13.03 16.14 -13.12
N TRP A 509 13.33 15.47 -12.00
CA TRP A 509 14.55 15.79 -11.23
C TRP A 509 15.79 15.46 -12.06
N GLN A 510 15.73 14.34 -12.77
CA GLN A 510 16.77 13.91 -13.68
C GLN A 510 16.06 13.61 -14.98
N ASN A 511 16.87 13.39 -16.02
CA ASN A 511 16.38 12.98 -17.34
C ASN A 511 16.37 11.45 -17.46
N PRO A 512 15.20 10.80 -17.40
CA PRO A 512 15.22 9.31 -17.41
C PRO A 512 15.51 8.70 -18.79
N ASN A 513 15.51 9.55 -19.83
CA ASN A 513 15.83 9.04 -21.16
C ASN A 513 17.29 8.58 -21.30
N ILE A 514 18.16 8.93 -20.35
CA ILE A 514 19.53 8.48 -20.38
C ILE A 514 19.79 7.54 -19.21
N TRP A 515 18.75 7.08 -18.52
CA TRP A 515 19.03 6.14 -17.41
C TRP A 515 19.49 4.78 -17.96
N LYS A 516 20.35 4.15 -17.18
CA LYS A 516 20.99 2.92 -17.58
C LYS A 516 20.36 1.70 -16.99
N ASP A 517 19.39 1.86 -16.09
CA ASP A 517 18.68 0.75 -15.47
C ASP A 517 17.28 0.47 -16.02
N LEU A 518 16.59 1.49 -16.51
CA LEU A 518 15.17 1.30 -16.86
C LEU A 518 14.98 0.22 -17.94
N ASN A 519 15.75 0.31 -19.03
CA ASN A 519 15.52 -0.61 -20.11
C ASN A 519 15.84 -2.06 -19.74
N SER A 520 16.87 -2.27 -18.90
CA SER A 520 17.21 -3.64 -18.41
CA SER A 520 17.19 -3.65 -18.45
C SER A 520 16.15 -4.12 -17.45
N LYS A 521 15.73 -3.24 -16.54
CA LYS A 521 14.72 -3.63 -15.56
C LYS A 521 13.40 -4.00 -16.22
N TYR A 522 13.08 -3.25 -17.29
CA TYR A 522 11.89 -3.57 -18.06
C TYR A 522 11.91 -5.03 -18.57
N VAL A 523 13.01 -5.35 -19.25
CA VAL A 523 13.18 -6.71 -19.77
C VAL A 523 13.10 -7.78 -18.69
N LEU A 524 13.76 -7.49 -17.57
CA LEU A 524 13.71 -8.40 -16.42
C LEU A 524 12.34 -8.60 -15.84
N LEU A 525 11.59 -7.49 -15.74
CA LEU A 525 10.21 -7.57 -15.29
C LEU A 525 9.33 -8.44 -16.24
N VAL A 526 9.51 -8.23 -17.55
CA VAL A 526 8.78 -9.02 -18.53
C VAL A 526 9.07 -10.55 -18.32
N TYR A 527 10.35 -10.92 -18.28
CA TYR A 527 10.64 -12.33 -18.14
C TYR A 527 10.26 -12.90 -16.76
N ARG A 528 10.45 -12.10 -15.75
CA ARG A 528 9.94 -12.45 -14.42
C ARG A 528 8.47 -12.86 -14.47
N ASP A 529 7.70 -11.95 -15.09
CA ASP A 529 6.25 -12.12 -15.17
C ASP A 529 5.83 -13.39 -15.92
N TYR A 530 6.59 -13.76 -16.95
CA TYR A 530 6.39 -15.07 -17.57
C TYR A 530 6.75 -16.24 -16.65
N VAL A 531 7.92 -16.14 -16.02
CA VAL A 531 8.39 -17.29 -15.15
C VAL A 531 7.50 -17.50 -13.91
N LEU A 532 7.13 -16.41 -13.22
CA LEU A 532 6.39 -16.53 -11.97
C LEU A 532 4.91 -16.77 -12.15
N THR A 533 4.45 -16.82 -13.40
CA THR A 533 3.10 -17.25 -13.71
C THR A 533 3.07 -18.58 -14.49
N GLY A 534 4.16 -19.35 -14.38
CA GLY A 534 4.19 -20.76 -14.80
C GLY A 534 4.86 -21.10 -16.12
N LYS A 535 5.52 -20.10 -16.74
CA LYS A 535 6.18 -20.27 -18.02
C LYS A 535 5.22 -20.79 -19.05
N THR A 536 3.98 -20.33 -19.02
CA THR A 536 2.98 -20.73 -20.03
C THR A 536 2.49 -19.59 -20.93
N ASP A 537 2.75 -18.32 -20.56
CA ASP A 537 2.04 -17.20 -21.22
C ASP A 537 2.89 -16.74 -22.41
N LYS A 538 2.89 -17.57 -23.48
CA LYS A 538 3.72 -17.19 -24.66
C LYS A 538 3.16 -15.91 -25.32
N GLU A 539 1.84 -15.77 -25.31
N GLU A 539 1.83 -15.77 -25.26
CA GLU A 539 1.18 -14.54 -25.84
CA GLU A 539 1.13 -14.55 -25.79
C GLU A 539 1.70 -13.24 -25.16
C GLU A 539 1.66 -13.26 -25.17
N PHE A 540 1.90 -13.25 -23.84
CA PHE A 540 2.53 -12.11 -23.17
C PHE A 540 3.95 -11.83 -23.65
N LEU A 541 4.75 -12.91 -23.81
CA LEU A 541 6.07 -12.77 -24.39
C LEU A 541 5.97 -12.21 -25.84
N LYS A 542 5.02 -12.70 -26.63
CA LYS A 542 4.87 -12.20 -27.99
C LYS A 542 4.46 -10.73 -28.04
N TYR A 543 3.55 -10.33 -27.16
CA TYR A 543 3.12 -8.93 -27.09
C TYR A 543 4.28 -7.98 -26.84
N THR A 544 5.18 -8.36 -25.93
CA THR A 544 6.23 -7.49 -25.44
C THR A 544 7.56 -7.69 -26.13
N TRP A 545 7.67 -8.67 -27.03
CA TRP A 545 9.00 -9.01 -27.60
C TRP A 545 9.69 -7.88 -28.40
N LYS A 546 8.91 -7.17 -29.24
N LYS A 546 8.95 -7.15 -29.24
CA LYS A 546 9.46 -6.04 -29.98
CA LYS A 546 9.59 -6.10 -29.97
C LYS A 546 10.09 -5.03 -29.03
C LYS A 546 10.08 -4.97 -29.06
N SER A 547 9.36 -4.72 -27.95
CA SER A 547 9.78 -3.70 -27.00
C SER A 547 11.04 -4.16 -26.24
N VAL A 548 11.11 -5.47 -25.92
CA VAL A 548 12.28 -6.03 -25.25
C VAL A 548 13.54 -5.86 -26.10
N LYS A 549 13.43 -6.22 -27.37
CA LYS A 549 14.57 -6.07 -28.28
C LYS A 549 15.00 -4.64 -28.50
N THR A 550 13.99 -3.79 -28.66
CA THR A 550 14.25 -2.35 -28.81
C THR A 550 14.98 -1.81 -27.56
N ALA A 551 14.47 -2.17 -26.38
CA ALA A 551 15.05 -1.68 -25.16
C ALA A 551 16.54 -2.04 -25.02
N LEU A 552 16.86 -3.29 -25.29
CA LEU A 552 18.26 -3.71 -25.16
C LEU A 552 19.14 -3.10 -26.26
N ASP A 553 18.60 -3.01 -27.49
CA ASP A 553 19.36 -2.44 -28.60
C ASP A 553 19.68 -0.98 -28.32
N LYS A 554 18.69 -0.25 -27.76
CA LYS A 554 18.98 1.14 -27.42
C LYS A 554 20.01 1.29 -26.31
N LEU A 555 19.91 0.45 -25.28
CA LEU A 555 20.83 0.52 -24.17
C LEU A 555 22.27 0.19 -24.64
N LYS A 556 22.41 -0.73 -25.59
CA LYS A 556 23.75 -1.08 -26.11
C LYS A 556 24.49 0.13 -26.75
N GLU A 557 23.72 1.06 -27.32
CA GLU A 557 24.28 2.28 -27.89
C GLU A 557 24.96 3.15 -26.86
N MET A 558 24.64 2.95 -25.57
CA MET A 558 25.25 3.72 -24.49
C MET A 558 26.57 3.16 -23.98
N ASP A 559 27.05 2.13 -24.65
CA ASP A 559 28.41 1.60 -24.43
C ASP A 559 29.39 2.37 -25.26
N LYS A 560 29.97 3.42 -24.70
CA LYS A 560 30.91 4.26 -25.45
C LYS A 560 32.36 3.76 -25.50
N ASP A 561 32.71 2.72 -24.73
CA ASP A 561 34.15 2.30 -24.79
C ASP A 561 34.23 0.85 -25.31
N ASN A 562 33.14 0.32 -25.83
CA ASN A 562 33.13 -0.99 -26.47
C ASN A 562 33.59 -2.19 -25.59
N ASP A 563 33.27 -2.13 -24.30
CA ASP A 563 33.46 -3.30 -23.42
C ASP A 563 32.19 -4.15 -23.39
N GLY A 564 31.16 -3.77 -24.14
CA GLY A 564 29.92 -4.54 -24.23
C GLY A 564 28.87 -4.19 -23.17
N ILE A 565 29.17 -3.18 -22.36
CA ILE A 565 28.31 -2.79 -21.21
C ILE A 565 27.96 -1.29 -21.33
N PRO A 566 26.71 -0.91 -21.11
CA PRO A 566 26.39 0.53 -21.13
C PRO A 566 27.21 1.25 -20.05
N ASP A 567 27.66 2.47 -20.35
N ASP A 567 27.70 2.44 -20.38
CA ASP A 567 28.48 3.28 -19.43
CA ASP A 567 28.42 3.24 -19.42
C ASP A 567 27.65 4.23 -18.59
C ASP A 567 27.43 3.97 -18.54
N ASN A 568 27.79 4.12 -17.27
CA ASN A 568 27.23 5.16 -16.42
C ASN A 568 28.10 6.41 -16.64
N GLU A 569 27.41 7.54 -16.66
CA GLU A 569 27.97 8.83 -17.12
C GLU A 569 28.46 9.81 -16.06
N GLY A 570 28.66 9.35 -14.81
CA GLY A 570 29.15 10.22 -13.74
C GLY A 570 28.12 11.24 -13.27
N ILE A 571 26.87 10.91 -13.56
CA ILE A 571 25.72 11.70 -13.19
C ILE A 571 24.68 10.65 -12.75
N PRO A 572 23.80 10.97 -11.80
CA PRO A 572 22.84 9.93 -11.35
C PRO A 572 21.85 9.60 -12.48
N ASP A 573 22.15 8.52 -13.16
CA ASP A 573 21.46 7.99 -14.34
C ASP A 573 20.90 6.58 -14.06
N GLN A 574 20.30 6.46 -12.88
CA GLN A 574 19.66 5.22 -12.43
C GLN A 574 18.90 5.52 -11.11
N THR A 575 18.24 4.50 -10.58
CA THR A 575 17.31 4.69 -9.44
C THR A 575 17.89 5.41 -8.23
N TYR A 576 19.18 5.22 -7.99
CA TYR A 576 19.89 5.96 -6.92
C TYR A 576 20.21 7.30 -7.56
N ASP A 577 19.18 8.15 -7.64
CA ASP A 577 19.20 9.33 -8.54
C ASP A 577 19.92 10.55 -8.00
N THR A 578 20.68 10.39 -6.91
CA THR A 578 21.72 11.32 -6.53
C THR A 578 23.10 10.70 -6.31
N TRP A 579 23.21 9.37 -6.45
CA TRP A 579 24.45 8.66 -6.18
C TRP A 579 25.09 8.37 -7.53
N SER A 580 26.20 9.05 -7.81
N SER A 580 26.16 9.09 -7.86
CA SER A 580 26.80 9.02 -9.15
CA SER A 580 26.71 8.97 -9.21
C SER A 580 27.60 7.73 -9.41
C SER A 580 27.49 7.67 -9.37
N MET A 581 27.30 7.09 -10.53
CA MET A 581 28.03 5.93 -11.00
C MET A 581 28.71 6.37 -12.28
N LYS A 582 29.91 5.83 -12.51
CA LYS A 582 30.74 6.22 -13.63
C LYS A 582 31.49 5.01 -14.15
N GLY A 583 31.34 4.77 -15.46
CA GLY A 583 31.99 3.67 -16.14
C GLY A 583 31.11 2.43 -16.13
N THR A 584 31.69 1.25 -15.87
CA THR A 584 30.87 0.08 -15.59
C THR A 584 30.56 0.03 -14.10
N SER A 585 29.27 -0.10 -13.77
CA SER A 585 28.84 -0.25 -12.38
C SER A 585 28.41 -1.69 -12.11
N ALA A 586 28.59 -2.11 -10.85
CA ALA A 586 28.07 -3.43 -10.46
C ALA A 586 26.55 -3.50 -10.66
N TYR A 587 25.87 -2.42 -10.24
CA TYR A 587 24.44 -2.39 -10.28
C TYR A 587 23.90 -2.44 -11.72
N CYS A 588 24.22 -1.42 -12.53
CA CYS A 588 23.70 -1.40 -13.91
C CYS A 588 24.29 -2.50 -14.78
N GLY A 589 25.55 -2.84 -14.52
CA GLY A 589 26.27 -3.87 -15.27
C GLY A 589 25.61 -5.26 -15.05
N SER A 590 25.31 -5.55 -13.74
CA SER A 590 24.72 -6.85 -13.46
C SER A 590 23.30 -6.97 -13.99
N LEU A 591 22.55 -5.86 -13.90
CA LEU A 591 21.20 -5.82 -14.47
C LEU A 591 21.22 -6.05 -15.98
N TRP A 592 22.20 -5.44 -16.63
CA TRP A 592 22.40 -5.64 -18.10
C TRP A 592 22.70 -7.10 -18.46
N LEU A 593 23.59 -7.73 -17.70
CA LEU A 593 23.95 -9.13 -17.94
C LEU A 593 22.71 -10.01 -17.82
N ALA A 594 21.94 -9.78 -16.74
CA ALA A 594 20.74 -10.59 -16.54
C ALA A 594 19.70 -10.36 -17.60
N ALA A 595 19.52 -9.10 -18.00
CA ALA A 595 18.53 -8.80 -19.05
C ALA A 595 18.92 -9.45 -20.41
N LEU A 596 20.21 -9.51 -20.72
CA LEU A 596 20.65 -10.20 -21.92
C LEU A 596 20.36 -11.67 -21.83
N LYS A 597 20.59 -12.27 -20.67
CA LYS A 597 20.32 -13.68 -20.50
C LYS A 597 18.84 -13.98 -20.60
N ALA A 598 18.03 -13.10 -20.05
CA ALA A 598 16.55 -13.20 -20.19
C ALA A 598 16.09 -13.12 -21.64
N ALA A 599 16.62 -12.16 -22.39
CA ALA A 599 16.22 -11.98 -23.77
C ALA A 599 16.66 -13.16 -24.64
N GLN A 600 17.82 -13.74 -24.34
CA GLN A 600 18.26 -14.97 -25.02
C GLN A 600 17.22 -16.06 -24.81
N GLU A 601 16.77 -16.19 -23.54
CA GLU A 601 15.80 -17.20 -23.28
C GLU A 601 14.45 -16.96 -23.97
N ILE A 602 13.99 -15.72 -23.98
CA ILE A 602 12.76 -15.39 -24.72
C ILE A 602 12.92 -15.67 -26.21
N GLY A 603 14.08 -15.32 -26.74
CA GLY A 603 14.34 -15.61 -28.15
C GLY A 603 14.27 -17.13 -28.44
N LYS A 604 14.78 -17.96 -27.53
CA LYS A 604 14.64 -19.44 -27.65
C LYS A 604 13.16 -19.81 -27.66
N VAL A 605 12.41 -19.28 -26.67
CA VAL A 605 10.98 -19.64 -26.56
C VAL A 605 10.19 -19.27 -27.84
N LEU A 606 10.47 -18.06 -28.36
CA LEU A 606 9.77 -17.53 -29.52
C LEU A 606 10.38 -17.91 -30.86
N LYS A 607 11.45 -18.69 -30.82
CA LYS A 607 12.13 -19.17 -32.01
C LYS A 607 12.65 -18.01 -32.87
N ASP A 608 13.25 -17.01 -32.20
CA ASP A 608 13.90 -15.88 -32.86
C ASP A 608 15.40 -16.06 -32.81
N ASN A 609 15.88 -16.76 -33.82
CA ASN A 609 17.29 -17.17 -33.85
C ASN A 609 18.26 -16.01 -33.87
N GLU A 610 17.97 -14.99 -34.71
CA GLU A 610 18.92 -13.92 -34.81
C GLU A 610 19.05 -13.18 -33.47
N ALA A 611 17.93 -13.04 -32.76
CA ALA A 611 17.95 -12.43 -31.42
C ALA A 611 18.73 -13.26 -30.40
N TYR A 612 18.46 -14.54 -30.41
CA TYR A 612 19.19 -15.43 -29.52
C TYR A 612 20.72 -15.29 -29.75
N ILE A 613 21.14 -15.38 -31.01
CA ILE A 613 22.56 -15.33 -31.34
C ILE A 613 23.17 -13.99 -30.89
N LYS A 614 22.47 -12.89 -31.20
CA LYS A 614 23.00 -11.57 -30.91
C LYS A 614 23.14 -11.32 -29.43
N TYR A 615 22.06 -11.59 -28.68
CA TYR A 615 22.11 -11.33 -27.23
C TYR A 615 23.05 -12.31 -26.49
N ASN A 616 23.22 -13.50 -27.04
CA ASN A 616 24.23 -14.41 -26.48
C ASN A 616 25.65 -13.87 -26.68
N GLU A 617 25.93 -13.38 -27.88
N GLU A 617 25.94 -13.36 -27.86
CA GLU A 617 27.23 -12.76 -28.17
CA GLU A 617 27.27 -12.80 -28.11
C GLU A 617 27.47 -11.59 -27.22
C GLU A 617 27.52 -11.54 -27.27
N TRP A 618 26.50 -10.69 -27.13
CA TRP A 618 26.65 -9.51 -26.25
C TRP A 618 26.84 -9.97 -24.80
N TYR A 619 26.08 -10.97 -24.39
CA TYR A 619 26.24 -11.50 -23.00
C TYR A 619 27.62 -12.06 -22.68
N LYS A 620 28.17 -12.85 -23.60
CA LYS A 620 29.45 -13.50 -23.32
C LYS A 620 30.57 -12.46 -23.18
N ILE A 621 30.57 -11.43 -24.04
CA ILE A 621 31.55 -10.36 -24.00
C ILE A 621 31.36 -9.51 -22.71
N ALA A 622 30.13 -9.09 -22.46
CA ALA A 622 29.85 -8.28 -21.25
C ALA A 622 30.17 -8.99 -19.95
N GLN A 623 29.85 -10.27 -19.89
CA GLN A 623 30.13 -11.07 -18.66
C GLN A 623 31.63 -11.14 -18.35
N GLN A 624 32.42 -11.40 -19.39
N GLN A 624 32.44 -11.45 -19.37
CA GLN A 624 33.86 -11.50 -19.22
CA GLN A 624 33.88 -11.48 -19.20
C GLN A 624 34.46 -10.17 -18.77
C GLN A 624 34.37 -10.14 -18.67
N ASN A 625 33.99 -9.07 -19.37
CA ASN A 625 34.49 -7.76 -19.02
C ASN A 625 33.98 -7.29 -17.66
N PHE A 626 32.76 -7.64 -17.30
CA PHE A 626 32.21 -7.25 -16.01
C PHE A 626 33.08 -7.85 -14.89
N GLU A 627 33.35 -9.14 -14.99
CA GLU A 627 34.16 -9.86 -13.99
C GLU A 627 35.58 -9.24 -13.93
N LYS A 628 36.20 -9.02 -15.10
CA LYS A 628 37.55 -8.44 -15.13
C LYS A 628 37.60 -7.05 -14.48
N GLU A 629 36.61 -6.25 -14.79
CA GLU A 629 36.60 -4.84 -14.37
C GLU A 629 36.28 -4.66 -12.89
N LEU A 630 35.47 -5.55 -12.33
CA LEU A 630 34.86 -5.29 -11.00
C LEU A 630 35.16 -6.28 -9.93
N TRP A 631 35.47 -7.52 -10.25
CA TRP A 631 35.75 -8.49 -9.17
C TRP A 631 37.09 -8.19 -8.50
N ASN A 632 37.09 -7.96 -7.17
CA ASN A 632 38.29 -7.56 -6.44
C ASN A 632 38.87 -8.69 -5.53
N GLY A 633 38.24 -9.87 -5.51
CA GLY A 633 38.67 -10.99 -4.65
C GLY A 633 37.79 -11.24 -3.43
N GLU A 634 37.01 -10.21 -3.06
CA GLU A 634 36.10 -10.20 -1.90
C GLU A 634 34.63 -9.83 -2.29
N TYR A 635 34.49 -8.89 -3.22
CA TYR A 635 33.18 -8.39 -3.64
C TYR A 635 33.36 -7.73 -5.00
N TYR A 636 32.27 -7.21 -5.56
CA TYR A 636 32.30 -6.51 -6.83
C TYR A 636 32.36 -5.03 -6.50
N ASN A 637 33.33 -4.33 -7.07
CA ASN A 637 33.42 -2.87 -6.86
C ASN A 637 32.18 -2.12 -7.34
N PHE A 638 31.87 -1.03 -6.66
CA PHE A 638 30.72 -0.21 -7.00
C PHE A 638 30.74 0.18 -8.49
N ASP A 639 31.87 0.67 -8.97
CA ASP A 639 32.03 0.95 -10.39
C ASP A 639 33.50 1.00 -10.76
N THR A 640 33.81 1.43 -11.99
CA THR A 640 35.19 1.45 -12.45
C THR A 640 35.88 2.82 -12.39
N GLU A 641 35.12 3.92 -12.26
CA GLU A 641 35.71 5.28 -12.45
C GLU A 641 35.42 6.32 -11.37
N SER A 642 34.53 6.02 -10.41
CA SER A 642 34.21 6.99 -9.35
C SER A 642 35.33 7.06 -8.35
N ASP A 643 35.35 8.14 -7.58
CA ASP A 643 36.35 8.31 -6.54
C ASP A 643 36.20 7.20 -5.50
N HIS A 644 34.98 6.86 -5.16
CA HIS A 644 34.77 5.77 -4.17
C HIS A 644 34.35 4.46 -4.88
N LYS A 645 35.08 4.13 -5.95
CA LYS A 645 34.76 2.97 -6.79
C LYS A 645 34.81 1.64 -6.03
N ASP A 646 35.55 1.59 -4.92
CA ASP A 646 35.66 0.37 -4.09
C ASP A 646 34.66 0.32 -2.90
N SER A 647 33.67 1.18 -2.88
CA SER A 647 32.60 1.00 -1.93
C SER A 647 31.90 -0.32 -2.14
N ILE A 648 31.43 -0.87 -1.05
CA ILE A 648 30.63 -2.09 -1.02
C ILE A 648 29.19 -1.64 -1.09
N MET A 649 28.53 -1.95 -2.22
CA MET A 649 27.14 -1.56 -2.42
C MET A 649 26.21 -2.70 -2.04
N ALA A 650 25.15 -2.42 -1.29
CA ALA A 650 24.22 -3.46 -0.88
C ALA A 650 23.58 -4.15 -2.07
N ASP A 651 23.34 -3.35 -3.13
CA ASP A 651 22.60 -3.82 -4.31
C ASP A 651 23.54 -4.16 -5.47
N GLN A 652 24.83 -4.42 -5.20
CA GLN A 652 25.81 -4.62 -6.25
C GLN A 652 25.48 -5.75 -7.22
N LEU A 653 24.77 -6.78 -6.75
CA LEU A 653 24.46 -7.93 -7.57
C LEU A 653 22.99 -8.08 -7.90
N ALA A 654 22.31 -6.93 -8.05
CA ALA A 654 20.87 -6.95 -8.33
C ALA A 654 20.50 -7.81 -9.55
N GLY A 655 21.37 -7.81 -10.57
CA GLY A 655 21.07 -8.65 -11.71
C GLY A 655 21.09 -10.14 -11.42
N GLN A 656 22.00 -10.56 -10.55
CA GLN A 656 22.04 -11.98 -10.20
C GLN A 656 20.86 -12.39 -9.26
N TRP A 657 20.39 -11.44 -8.42
CA TRP A 657 19.20 -11.62 -7.64
C TRP A 657 18.07 -12.01 -8.56
N TYR A 658 17.82 -11.15 -9.58
CA TYR A 658 16.71 -11.42 -10.46
C TYR A 658 16.97 -12.67 -11.31
N ALA A 659 18.23 -12.90 -11.70
CA ALA A 659 18.52 -14.16 -12.41
C ALA A 659 18.15 -15.42 -11.60
N ASP A 660 18.36 -15.36 -10.31
CA ASP A 660 17.91 -16.48 -9.46
C ASP A 660 16.39 -16.68 -9.54
N ILE A 661 15.65 -15.58 -9.42
CA ILE A 661 14.17 -15.66 -9.47
C ILE A 661 13.68 -16.16 -10.82
N LEU A 662 14.38 -15.73 -11.86
CA LEU A 662 13.99 -16.06 -13.23
C LEU A 662 14.51 -17.42 -13.70
N ARG A 663 15.23 -18.11 -12.82
CA ARG A 663 15.82 -19.42 -13.10
C ARG A 663 16.75 -19.36 -14.33
N LEU A 664 17.57 -18.31 -14.38
CA LEU A 664 18.51 -18.08 -15.49
C LEU A 664 19.90 -18.59 -15.17
N GLY A 665 20.09 -19.17 -13.98
CA GLY A 665 21.39 -19.72 -13.59
C GLY A 665 22.40 -18.68 -13.17
N ASP A 666 23.65 -19.07 -13.25
CA ASP A 666 24.72 -18.24 -12.76
C ASP A 666 25.11 -17.24 -13.84
N ILE A 667 25.00 -15.96 -13.58
N ILE A 667 24.98 -15.94 -13.57
CA ILE A 667 25.61 -14.97 -14.44
CA ILE A 667 25.55 -14.91 -14.44
C ILE A 667 27.05 -14.73 -14.02
C ILE A 667 26.95 -14.46 -13.97
N LEU A 668 27.29 -14.78 -12.70
CA LEU A 668 28.59 -14.61 -12.15
C LEU A 668 28.88 -15.89 -11.36
N PRO A 669 30.17 -16.13 -11.11
CA PRO A 669 30.51 -17.39 -10.42
C PRO A 669 29.90 -17.51 -9.03
N LYS A 670 29.41 -18.70 -8.72
CA LYS A 670 28.76 -18.95 -7.41
C LYS A 670 29.62 -18.54 -6.22
N ASP A 671 30.89 -18.88 -6.31
CA ASP A 671 31.81 -18.60 -5.20
C ASP A 671 31.88 -17.07 -4.97
N HIS A 672 31.94 -16.31 -6.06
CA HIS A 672 32.09 -14.85 -5.97
C HIS A 672 30.80 -14.19 -5.49
N VAL A 673 29.68 -14.69 -5.98
CA VAL A 673 28.37 -14.22 -5.43
C VAL A 673 28.28 -14.47 -3.90
N GLN A 674 28.67 -15.69 -3.45
CA GLN A 674 28.57 -16.00 -2.02
C GLN A 674 29.51 -15.09 -1.19
N LYS A 675 30.74 -14.90 -1.65
CA LYS A 675 31.69 -13.98 -1.01
C LYS A 675 31.12 -12.58 -0.92
N ALA A 676 30.52 -12.10 -2.00
CA ALA A 676 29.96 -10.76 -2.03
C ALA A 676 28.81 -10.59 -1.04
N LEU A 677 27.90 -11.56 -1.02
CA LEU A 677 26.77 -11.52 -0.06
C LEU A 677 27.24 -11.56 1.38
N LYS A 678 28.22 -12.42 1.68
CA LYS A 678 28.79 -12.49 3.01
C LYS A 678 29.43 -11.13 3.40
N LYS A 679 30.13 -10.51 2.45
CA LYS A 679 30.74 -9.20 2.70
C LYS A 679 29.66 -8.14 3.02
N ILE A 680 28.58 -8.12 2.23
CA ILE A 680 27.50 -7.15 2.43
C ILE A 680 26.88 -7.37 3.81
N TYR A 681 26.66 -8.63 4.17
CA TYR A 681 26.15 -8.92 5.55
C TYR A 681 27.13 -8.43 6.62
N GLU A 682 28.41 -8.78 6.47
CA GLU A 682 29.42 -8.43 7.46
C GLU A 682 29.57 -6.91 7.62
N PHE A 683 29.44 -6.20 6.49
CA PHE A 683 29.69 -4.78 6.47
C PHE A 683 28.43 -3.96 6.51
N ASN A 684 27.76 -3.85 5.38
CA ASN A 684 26.58 -3.00 5.24
C ASN A 684 25.46 -3.30 6.24
N VAL A 685 25.34 -4.54 6.71
CA VAL A 685 24.38 -4.88 7.75
C VAL A 685 25.04 -4.79 9.12
N MET A 686 26.00 -5.69 9.41
CA MET A 686 26.42 -5.85 10.81
C MET A 686 27.30 -4.71 11.34
N LYS A 687 27.92 -3.95 10.43
CA LYS A 687 28.67 -2.75 10.83
C LYS A 687 27.82 -1.47 10.88
N PHE A 688 26.53 -1.59 10.58
CA PHE A 688 25.61 -0.48 10.58
C PHE A 688 24.65 -0.67 11.76
N GLU A 689 24.92 0.05 12.85
CA GLU A 689 24.09 -0.04 14.03
C GLU A 689 23.83 -1.50 14.45
N ASN A 690 24.89 -2.31 14.46
CA ASN A 690 24.86 -3.73 14.89
C ASN A 690 23.82 -4.57 14.17
N GLY A 691 23.57 -4.25 12.91
CA GLY A 691 22.67 -5.06 12.13
C GLY A 691 21.19 -4.92 12.51
N LYS A 692 20.83 -3.87 13.25
CA LYS A 692 19.43 -3.74 13.74
C LYS A 692 18.54 -2.81 12.92
N MET A 693 19.03 -2.34 11.77
CA MET A 693 18.31 -1.31 10.97
C MET A 693 18.33 -1.57 9.47
N GLY A 694 18.73 -2.76 9.00
CA GLY A 694 18.80 -3.03 7.58
C GLY A 694 20.19 -2.90 7.02
N ALA A 695 20.28 -2.85 5.68
CA ALA A 695 21.56 -2.80 4.99
C ALA A 695 21.75 -1.35 4.53
N VAL A 696 22.79 -0.69 5.01
CA VAL A 696 23.12 0.63 4.48
C VAL A 696 23.56 0.48 3.03
N ASN A 697 23.25 1.46 2.19
CA ASN A 697 23.52 1.29 0.75
C ASN A 697 25.02 1.18 0.42
N GLY A 698 25.87 2.03 1.00
CA GLY A 698 27.27 1.99 0.67
C GLY A 698 28.16 2.01 1.90
N MET A 699 29.14 1.13 1.93
CA MET A 699 30.12 1.11 2.97
C MET A 699 31.51 1.05 2.37
N ARG A 700 32.42 1.81 2.97
CA ARG A 700 33.84 1.74 2.56
C ARG A 700 34.46 0.46 3.08
N PRO A 701 35.53 -0.02 2.43
CA PRO A 701 36.11 -1.31 2.88
C PRO A 701 36.81 -1.23 4.25
N ASP A 702 36.98 -0.03 4.78
CA ASP A 702 37.46 0.13 6.17
C ASP A 702 36.32 0.09 7.20
N GLY A 703 35.09 -0.26 6.79
CA GLY A 703 33.99 -0.45 7.71
C GLY A 703 33.24 0.80 8.12
N ILE A 704 33.49 1.91 7.43
CA ILE A 704 32.86 3.22 7.64
C ILE A 704 31.85 3.46 6.53
N VAL A 705 30.67 4.01 6.87
CA VAL A 705 29.63 4.29 5.88
C VAL A 705 30.19 5.31 4.86
N ASP A 706 29.89 5.04 3.60
CA ASP A 706 30.31 5.88 2.46
C ASP A 706 29.52 7.19 2.52
N GLU A 707 30.23 8.31 2.59
CA GLU A 707 29.62 9.62 2.75
C GLU A 707 29.61 10.40 1.42
N SER A 708 29.87 9.74 0.30
CA SER A 708 29.96 10.44 -0.98
C SER A 708 28.60 11.06 -1.39
N ASP A 709 27.49 10.47 -0.95
CA ASP A 709 26.14 11.03 -1.21
C ASP A 709 25.22 10.58 -0.11
N ILE A 710 24.18 11.37 0.13
CA ILE A 710 23.16 10.96 1.07
C ILE A 710 22.60 9.57 0.84
N GLN A 711 22.36 9.18 -0.41
CA GLN A 711 21.78 7.90 -0.67
C GLN A 711 22.68 6.72 -0.24
N ALA A 712 24.00 6.93 -0.29
CA ALA A 712 24.94 5.93 0.19
C ALA A 712 24.78 5.69 1.68
N GLN A 713 24.36 6.71 2.45
CA GLN A 713 24.25 6.65 3.91
C GLN A 713 22.86 6.24 4.36
N GLU A 714 21.96 5.99 3.40
CA GLU A 714 20.62 5.52 3.67
C GLU A 714 20.52 4.01 3.60
N VAL A 715 19.67 3.46 4.45
CA VAL A 715 19.07 2.15 4.23
C VAL A 715 17.83 2.33 3.37
N TRP A 716 17.72 1.56 2.29
CA TRP A 716 16.48 1.56 1.50
C TRP A 716 15.74 0.28 1.89
N THR A 717 14.55 0.45 2.44
CA THR A 717 13.78 -0.65 2.97
C THR A 717 13.54 -1.72 1.92
N GLY A 718 13.20 -1.32 0.68
CA GLY A 718 12.91 -2.30 -0.36
C GLY A 718 14.13 -2.97 -0.96
N VAL A 719 15.26 -2.25 -0.95
CA VAL A 719 16.51 -2.83 -1.34
C VAL A 719 16.89 -3.91 -0.30
N THR A 720 16.72 -3.59 0.97
CA THR A 720 17.09 -4.52 2.04
C THR A 720 16.21 -5.76 2.01
N TYR A 721 14.90 -5.67 1.82
CA TYR A 721 14.08 -6.85 1.75
C TYR A 721 14.45 -7.69 0.55
N ALA A 722 14.74 -7.01 -0.60
CA ALA A 722 15.20 -7.75 -1.80
C ALA A 722 16.51 -8.50 -1.57
N LEU A 723 17.42 -7.82 -0.88
CA LEU A 723 18.71 -8.41 -0.55
C LEU A 723 18.51 -9.65 0.37
N ALA A 724 17.59 -9.52 1.32
CA ALA A 724 17.25 -10.66 2.18
C ALA A 724 16.73 -11.84 1.35
N SER A 725 15.86 -11.61 0.36
N SER A 725 15.86 -11.56 0.38
CA SER A 725 15.45 -12.75 -0.48
CA SER A 725 15.41 -12.57 -0.59
C SER A 725 16.62 -13.34 -1.25
C SER A 725 16.58 -13.29 -1.24
N PHE A 726 17.53 -12.50 -1.72
CA PHE A 726 18.71 -13.03 -2.47
C PHE A 726 19.52 -13.93 -1.52
N MET A 727 19.76 -13.45 -0.30
CA MET A 727 20.50 -14.27 0.69
C MET A 727 19.77 -15.57 0.96
N LYS A 728 18.46 -15.52 1.09
CA LYS A 728 17.68 -16.70 1.34
C LYS A 728 17.81 -17.72 0.21
N TYR A 729 17.69 -17.28 -1.06
CA TYR A 729 17.83 -18.21 -2.16
C TYR A 729 19.23 -18.84 -2.23
N ARG A 730 20.25 -18.11 -1.79
CA ARG A 730 21.62 -18.58 -1.82
C ARG A 730 22.01 -19.38 -0.55
N GLY A 731 21.00 -19.73 0.25
CA GLY A 731 21.20 -20.61 1.38
C GLY A 731 21.74 -19.91 2.63
N MET A 732 21.78 -18.59 2.62
CA MET A 732 22.23 -17.77 3.74
C MET A 732 21.02 -17.42 4.62
N THR A 733 20.47 -18.44 5.24
CA THR A 733 19.14 -18.31 5.88
C THR A 733 19.20 -17.36 7.06
N GLU A 734 20.15 -17.55 7.95
CA GLU A 734 20.27 -16.68 9.09
C GLU A 734 20.53 -15.23 8.68
N GLU A 735 21.46 -15.05 7.77
CA GLU A 735 21.77 -13.72 7.30
C GLU A 735 20.56 -13.02 6.67
N ALA A 736 19.80 -13.80 5.90
CA ALA A 736 18.62 -13.24 5.20
C ALA A 736 17.62 -12.72 6.22
N TYR A 737 17.23 -13.53 7.20
CA TYR A 737 16.23 -13.09 8.16
C TYR A 737 16.76 -12.05 9.14
N ASN A 738 18.03 -12.10 9.48
CA ASN A 738 18.63 -11.05 10.29
C ASN A 738 18.64 -9.70 9.56
N THR A 739 18.90 -9.76 8.24
CA THR A 739 18.94 -8.56 7.41
C THR A 739 17.54 -7.94 7.37
N ALA A 740 16.54 -8.76 7.07
CA ALA A 740 15.15 -8.27 7.03
C ALA A 740 14.64 -7.81 8.38
N TYR A 741 15.09 -8.45 9.46
CA TYR A 741 14.50 -8.17 10.80
C TYR A 741 14.70 -6.73 11.18
N GLY A 742 15.82 -6.12 10.83
CA GLY A 742 16.01 -4.73 11.18
C GLY A 742 14.99 -3.79 10.53
N VAL A 743 14.55 -4.13 9.31
CA VAL A 743 13.51 -3.36 8.65
C VAL A 743 12.20 -3.51 9.41
N TYR A 744 11.83 -4.74 9.73
CA TYR A 744 10.65 -5.01 10.53
C TYR A 744 10.74 -4.26 11.87
N LYS A 745 11.88 -4.30 12.55
CA LYS A 745 11.99 -3.69 13.85
C LYS A 745 11.75 -2.20 13.77
N MET A 746 12.46 -1.55 12.85
CA MET A 746 12.31 -0.09 12.67
C MET A 746 10.88 0.30 12.34
N THR A 747 10.19 -0.53 11.57
CA THR A 747 8.86 -0.21 11.09
C THR A 747 7.80 -0.42 12.17
N TYR A 748 7.84 -1.58 12.85
CA TYR A 748 6.74 -2.04 13.70
C TYR A 748 6.97 -2.15 15.20
N ASP A 749 8.23 -2.27 15.61
CA ASP A 749 8.51 -2.63 17.04
C ASP A 749 8.51 -1.42 17.92
N LYS A 750 8.26 -1.65 19.21
N LYS A 750 8.26 -1.62 19.21
CA LYS A 750 8.36 -0.59 20.23
CA LYS A 750 8.36 -0.51 20.17
C LYS A 750 9.71 0.15 20.27
C LYS A 750 9.70 0.21 20.12
N SER A 751 10.79 -0.53 19.83
CA SER A 751 12.13 0.05 19.77
C SER A 751 12.45 0.74 18.45
N GLY A 752 11.53 0.71 17.48
CA GLY A 752 11.70 1.34 16.18
C GLY A 752 11.22 2.78 16.20
N LYS A 753 10.86 3.25 14.99
CA LYS A 753 10.62 4.65 14.74
C LYS A 753 9.19 4.99 14.36
N GLY A 754 8.28 4.00 14.47
CA GLY A 754 6.87 4.32 14.33
C GLY A 754 6.37 4.51 12.89
N TYR A 755 6.74 3.59 11.99
CA TYR A 755 6.44 3.72 10.56
C TYR A 755 5.39 2.73 10.06
N TRP A 756 4.70 2.06 10.99
CA TRP A 756 3.64 1.12 10.61
C TRP A 756 2.58 1.78 9.70
N PHE A 757 2.24 1.08 8.62
CA PHE A 757 1.29 1.58 7.62
C PHE A 757 1.75 2.85 6.95
N ARG A 758 3.03 3.07 6.91
CA ARG A 758 3.64 4.18 6.12
C ARG A 758 5.13 3.94 5.85
N THR A 759 5.48 2.66 5.58
CA THR A 759 6.88 2.29 5.44
C THR A 759 7.60 3.22 4.44
N PRO A 760 8.72 3.81 4.82
CA PRO A 760 9.36 4.77 3.98
C PRO A 760 10.33 4.16 2.98
N GLU A 761 10.71 4.93 1.98
CA GLU A 761 11.85 4.56 1.12
C GLU A 761 13.04 4.24 2.01
N ALA A 762 13.39 5.18 2.86
CA ALA A 762 14.74 5.20 3.44
C ALA A 762 14.76 5.72 4.85
N TRP A 763 15.78 5.30 5.60
CA TRP A 763 16.18 5.98 6.83
C TRP A 763 17.69 6.05 6.93
N THR A 764 18.13 7.04 7.69
CA THR A 764 19.53 7.18 8.08
C THR A 764 19.83 6.52 9.47
N LYS A 765 21.11 6.56 9.88
N LYS A 765 21.09 6.55 9.91
CA LYS A 765 21.60 5.92 11.13
CA LYS A 765 21.47 5.81 11.14
C LYS A 765 20.76 6.34 12.35
C LYS A 765 20.76 6.34 12.38
N ASP A 766 20.35 7.61 12.36
CA ASP A 766 19.51 8.14 13.46
C ASP A 766 18.08 7.66 13.45
N GLY A 767 17.70 6.89 12.43
CA GLY A 767 16.35 6.43 12.30
C GLY A 767 15.31 7.35 11.62
N ASN A 768 15.69 8.60 11.38
CA ASN A 768 14.81 9.50 10.67
C ASN A 768 14.69 9.12 9.19
N TYR A 769 13.57 9.52 8.58
CA TYR A 769 13.16 8.91 7.31
C TYR A 769 13.12 9.85 6.11
N ARG A 770 13.02 9.23 4.91
CA ARG A 770 12.68 9.94 3.69
C ARG A 770 11.61 9.17 2.94
N ALA A 771 10.52 9.89 2.65
CA ALA A 771 9.42 9.43 1.81
C ALA A 771 8.59 8.30 2.40
N SER A 772 7.78 8.63 3.39
CA SER A 772 6.85 7.66 3.93
C SER A 772 5.80 7.20 2.93
N MET A 773 5.16 6.06 3.17
CA MET A 773 4.13 5.46 2.31
C MET A 773 4.73 5.17 0.93
N TYR A 774 5.61 4.19 0.86
CA TYR A 774 6.51 4.01 -0.26
C TYR A 774 6.33 2.67 -0.93
N MET A 775 6.46 2.64 -2.26
CA MET A 775 6.21 1.42 -3.02
C MET A 775 7.27 0.31 -2.82
N ARG A 776 8.54 0.72 -2.76
CA ARG A 776 9.66 -0.23 -2.85
C ARG A 776 9.61 -1.38 -1.79
N PRO A 777 9.23 -1.11 -0.51
CA PRO A 777 9.26 -2.24 0.50
C PRO A 777 8.25 -3.33 0.27
N LEU A 778 7.33 -3.23 -0.71
CA LEU A 778 6.52 -4.35 -1.13
C LEU A 778 7.42 -5.50 -1.64
N SER A 779 8.70 -5.20 -1.91
CA SER A 779 9.66 -6.24 -2.28
C SER A 779 9.81 -7.34 -1.24
N ILE A 780 9.33 -7.15 -0.01
CA ILE A 780 9.37 -8.27 0.95
C ILE A 780 8.75 -9.53 0.34
N TRP A 781 7.76 -9.43 -0.54
CA TRP A 781 7.13 -10.60 -1.13
C TRP A 781 8.11 -11.40 -2.02
N SER A 782 9.26 -10.82 -2.42
CA SER A 782 10.30 -11.62 -3.06
C SER A 782 10.87 -12.72 -2.15
N MET A 783 10.68 -12.57 -0.84
CA MET A 783 11.09 -13.63 0.08
C MET A 783 10.17 -14.84 0.02
N GLU A 784 8.98 -14.76 -0.59
CA GLU A 784 8.05 -15.88 -0.76
C GLU A 784 8.12 -16.61 -2.14
N VAL A 785 9.03 -16.22 -2.98
CA VAL A 785 9.21 -16.89 -4.30
C VAL A 785 9.48 -18.39 -4.13
C1 EDO B . 4.04 -1.17 18.87
O1 EDO B . 3.14 -1.79 19.77
C2 EDO B . 4.36 0.13 19.53
O2 EDO B . 4.91 -0.12 20.82
C1 EDO C . -25.78 2.70 -14.24
O1 EDO C . -25.35 3.15 -12.91
C2 EDO C . -24.93 3.37 -15.13
O2 EDO C . -23.90 2.46 -15.06
C1 EDO D . -17.10 4.64 30.02
O1 EDO D . -17.17 6.04 29.74
C2 EDO D . -15.71 4.28 30.48
O2 EDO D . -14.71 4.71 29.56
C1 EDO E . 31.06 6.76 -5.68
O1 EDO E . 29.93 7.33 -6.36
C2 EDO E . 30.53 5.72 -4.70
O2 EDO E . 30.22 6.31 -3.44
C1 EDO F . -2.27 -23.90 16.75
O1 EDO F . -1.47 -23.62 17.92
C2 EDO F . -1.44 -23.53 15.55
O2 EDO F . -1.04 -22.18 15.74
C1 EDO G . -35.75 0.16 12.51
O1 EDO G . -35.74 -1.27 12.45
C2 EDO G . -37.06 0.56 11.83
O2 EDO G . -37.72 1.44 12.74
C1 EDO H . 3.98 16.70 -3.56
O1 EDO H . 3.62 15.45 -4.23
C2 EDO H . 3.01 17.14 -2.43
O2 EDO H . 3.01 16.22 -1.30
C1 EDO I . -16.33 12.49 -1.52
O1 EDO I . -16.34 12.83 -0.22
C2 EDO I . -16.09 13.68 -2.38
O2 EDO I . -17.09 14.65 -2.31
C1 EDO J . -6.77 -0.68 -24.07
O1 EDO J . -6.57 -0.12 -22.73
C2 EDO J . -7.55 -1.98 -24.09
O2 EDO J . -7.89 -2.39 -25.42
C1 EDO K . -30.04 4.63 -3.91
O1 EDO K . -29.80 6.10 -3.85
C2 EDO K . -29.32 3.78 -2.83
O2 EDO K . -27.88 3.62 -2.96
C1 EDO L . 39.30 -16.27 -6.65
O1 EDO L . 38.46 -16.80 -7.64
C2 EDO L . 39.36 -14.78 -6.79
O2 EDO L . 40.71 -14.35 -6.63
C1 EDO M . 18.19 -19.98 -6.66
O1 EDO M . 18.54 -20.99 -7.64
C2 EDO M . 19.46 -19.50 -5.97
O2 EDO M . 20.61 -19.65 -6.80
C1 EDO N . 4.98 12.16 -22.92
O1 EDO N . 4.23 12.93 -21.92
C2 EDO N . 4.03 11.35 -23.81
O2 EDO N . 3.08 10.64 -22.99
CA CA O . 31.07 0.34 -21.55
C5 945 P . 13.56 7.70 -5.84
C4 945 P . 13.91 7.32 -7.28
C2 945 P . 11.95 8.72 -8.18
C6 945 P . 12.73 9.01 -5.88
C1 945 P . 11.40 8.90 -6.76
C3 945 P . 12.69 7.36 -8.21
C7 945 P . 14.78 7.69 -4.92
O7 945 P . 14.36 7.73 -3.52
O6 945 P . 13.63 10.01 -6.29
O2 945 P . 10.86 8.76 -9.05
O3 945 P . 13.16 7.09 -9.52
O4 945 P . 14.49 5.97 -7.27
S13 945 P . 13.38 11.48 -5.91
O14 945 P . 13.64 11.49 -4.43
O15 945 P . 11.97 11.78 -6.08
O16 945 P . 14.31 12.18 -6.79
#